data_3E18
#
_entry.id   3E18
#
_cell.length_a   91.083
_cell.length_b   91.555
_cell.length_c   96.453
_cell.angle_alpha   90.00
_cell.angle_beta   90.00
_cell.angle_gamma   90.00
#
_symmetry.space_group_name_H-M   'P 21 21 21'
#
loop_
_entity.id
_entity.type
_entity.pdbx_description
1 polymer oxidoreductase
2 non-polymer 'MAGNESIUM ION'
3 non-polymer 'CHLORIDE ION'
4 non-polymer NICOTINAMIDE-ADENINE-DINUCLEOTIDE
5 non-polymer GLYCEROL
6 water water
#
_entity_poly.entity_id   1
_entity_poly.type   'polypeptide(L)'
_entity_poly.pdbx_seq_one_letter_code
;MSLKKYQLVIVGYGGMGSYHVTLASAADNLEVHGVFDILAEKREAAAQKGLKIYESYEAVLADEKVDAVLIATPNDSHKE
LAISALEAGKHVVCEKPVTMTSEDLLAIMDVAKRVNKHFMVHQNRRWDEDFLIIKEMFEQKTIGEMFHLESRVHGANGIP
GDWRHLKAHGGGMVLDWGVHLLDQLLFLVDSNVKSVSANLSFALGDEVDDGFVTFITFENGITAQIEVGTTNFIKLPRWY
VKGTEGTGIIHDWDLSGEIVKPTALAKTSEPTPIKAGQGLTKTMAPPSEEATNTLSLPAPAKLAPSFYNNFVDVLNNTSE
PIVQNEEVYQVLKLIEAIFEAAETNRTVHSIEGHHHHHH
;
_entity_poly.pdbx_strand_id   A,B
#
# COMPACT_ATOMS: atom_id res chain seq x y z
N LEU A 3 2.92 42.86 -34.01
CA LEU A 3 2.53 41.47 -33.58
C LEU A 3 3.75 40.65 -33.14
N LYS A 4 3.85 40.47 -31.82
CA LYS A 4 5.07 40.00 -31.14
C LYS A 4 5.13 38.49 -30.80
N LYS A 5 4.98 37.62 -31.79
CA LYS A 5 4.90 36.19 -31.55
C LYS A 5 6.26 35.50 -31.45
N TYR A 6 6.49 34.80 -30.34
CA TYR A 6 7.68 33.96 -30.19
C TYR A 6 7.64 32.77 -31.11
N GLN A 7 8.76 32.48 -31.75
CA GLN A 7 8.86 31.38 -32.69
C GLN A 7 9.54 30.20 -32.03
N LEU A 8 8.81 29.08 -31.99
CA LEU A 8 9.27 27.84 -31.36
C LEU A 8 9.58 26.81 -32.44
N VAL A 9 10.72 26.13 -32.33
CA VAL A 9 10.99 24.98 -33.20
C VAL A 9 10.86 23.68 -32.41
N ILE A 10 10.13 22.72 -33.00
CA ILE A 10 9.96 21.38 -32.43
C ILE A 10 11.16 20.52 -32.81
N VAL A 11 11.87 20.03 -31.80
CA VAL A 11 13.02 19.13 -31.99
C VAL A 11 12.66 17.75 -31.48
N GLY A 12 12.46 16.82 -32.40
CA GLY A 12 11.96 15.50 -32.07
C GLY A 12 10.52 15.43 -32.50
N TYR A 13 10.29 14.99 -33.74
CA TYR A 13 8.94 14.92 -34.27
C TYR A 13 8.36 13.51 -34.12
N GLY A 14 8.25 13.05 -32.88
CA GLY A 14 7.68 11.74 -32.61
C GLY A 14 6.28 11.90 -32.08
N GLY A 15 5.85 10.95 -31.25
CA GLY A 15 4.52 10.98 -30.64
C GLY A 15 4.17 12.30 -29.93
N MET A 16 5.01 12.70 -28.98
CA MET A 16 4.74 13.89 -28.20
C MET A 16 5.12 15.18 -28.94
N GLY A 17 6.22 15.13 -29.68
CA GLY A 17 6.68 16.26 -30.48
C GLY A 17 5.66 16.72 -31.49
N SER A 18 5.04 15.76 -32.18
CA SER A 18 3.96 16.09 -33.11
C SER A 18 2.76 16.69 -32.38
N TYR A 19 2.51 16.27 -31.14
CA TYR A 19 1.40 16.78 -30.35
C TYR A 19 1.67 18.19 -29.83
N HIS A 20 2.95 18.52 -29.64
CA HIS A 20 3.35 19.86 -29.21
C HIS A 20 3.05 20.95 -30.25
N VAL A 21 2.93 20.54 -31.51
CA VAL A 21 2.44 21.43 -32.57
C VAL A 21 1.08 21.97 -32.16
N THR A 22 0.15 21.08 -31.83
CA THR A 22 -1.19 21.45 -31.36
C THR A 22 -1.16 22.26 -30.06
N LEU A 23 -0.33 21.85 -29.10
CA LEU A 23 -0.24 22.51 -27.80
C LEU A 23 0.31 23.93 -27.86
N ALA A 24 1.46 24.10 -28.51
CA ALA A 24 2.10 25.42 -28.60
C ALA A 24 1.28 26.42 -29.42
N SER A 25 0.62 25.95 -30.48
CA SER A 25 -0.26 26.77 -31.32
C SER A 25 -1.48 27.35 -30.60
N ALA A 26 -1.93 26.67 -29.54
CA ALA A 26 -3.07 27.11 -28.75
C ALA A 26 -2.73 28.27 -27.82
N ALA A 27 -1.44 28.55 -27.65
CA ALA A 27 -1.02 29.65 -26.78
C ALA A 27 -1.21 30.98 -27.51
N ASP A 28 -1.31 32.07 -26.77
CA ASP A 28 -1.61 33.39 -27.34
C ASP A 28 -0.53 33.94 -28.26
N ASN A 29 0.68 34.12 -27.73
CA ASN A 29 1.74 34.77 -28.51
C ASN A 29 2.95 33.88 -28.75
N LEU A 30 2.71 32.74 -29.35
CA LEU A 30 3.72 31.74 -29.62
C LEU A 30 3.24 30.96 -30.81
N GLU A 31 4.11 30.72 -31.76
CA GLU A 31 3.75 29.84 -32.87
C GLU A 31 4.86 28.84 -33.17
N VAL A 32 4.51 27.79 -33.92
CA VAL A 32 5.49 26.80 -34.34
C VAL A 32 6.13 27.29 -35.62
N HIS A 33 7.40 27.64 -35.52
CA HIS A 33 8.16 28.13 -36.67
C HIS A 33 8.55 26.99 -37.59
N GLY A 34 8.74 25.81 -37.01
CA GLY A 34 9.16 24.65 -37.77
C GLY A 34 9.61 23.45 -36.94
N VAL A 35 10.19 22.49 -37.62
CA VAL A 35 10.45 21.16 -37.06
C VAL A 35 11.84 20.65 -37.46
N PHE A 36 12.57 20.08 -36.50
CA PHE A 36 13.70 19.22 -36.83
C PHE A 36 13.54 17.82 -36.22
N ASP A 37 13.88 16.81 -37.00
CA ASP A 37 14.04 15.45 -36.49
C ASP A 37 15.29 14.86 -37.12
N ILE A 38 15.94 13.95 -36.39
CA ILE A 38 17.15 13.30 -36.89
C ILE A 38 16.87 12.32 -38.05
N LEU A 39 15.66 11.76 -38.09
CA LEU A 39 15.27 10.88 -39.18
C LEU A 39 14.62 11.65 -40.31
N ALA A 40 15.05 11.36 -41.54
CA ALA A 40 14.48 11.96 -42.75
C ALA A 40 13.01 11.61 -42.94
N GLU A 41 12.64 10.39 -42.54
CA GLU A 41 11.26 9.91 -42.48
C GLU A 41 10.34 10.84 -41.68
N LYS A 42 10.82 11.25 -40.50
CA LYS A 42 10.04 12.12 -39.65
C LYS A 42 10.03 13.57 -40.12
N ARG A 43 11.09 13.99 -40.79
CA ARG A 43 11.14 15.32 -41.38
C ARG A 43 10.14 15.44 -42.55
N GLU A 44 10.06 14.39 -43.35
CA GLU A 44 9.08 14.29 -44.45
C GLU A 44 7.65 14.34 -43.91
N ALA A 45 7.41 13.57 -42.84
CA ALA A 45 6.11 13.52 -42.18
C ALA A 45 5.65 14.90 -41.65
N ALA A 46 6.59 15.71 -41.16
CA ALA A 46 6.27 17.06 -40.69
C ALA A 46 6.00 18.02 -41.86
N ALA A 47 6.77 17.86 -42.93
CA ALA A 47 6.58 18.63 -44.16
C ALA A 47 5.19 18.36 -44.76
N GLN A 48 4.77 17.09 -44.70
CA GLN A 48 3.43 16.71 -45.16
C GLN A 48 2.30 17.11 -44.21
N LYS A 49 2.62 17.84 -43.14
CA LYS A 49 1.61 18.52 -42.34
C LYS A 49 1.74 20.03 -42.54
N GLY A 50 2.46 20.44 -43.58
CA GLY A 50 2.60 21.84 -43.94
C GLY A 50 3.49 22.65 -43.01
N LEU A 51 4.43 21.96 -42.35
CA LEU A 51 5.35 22.59 -41.38
C LEU A 51 6.73 22.82 -41.99
N LYS A 52 7.36 23.94 -41.66
CA LYS A 52 8.73 24.20 -42.10
C LYS A 52 9.67 23.18 -41.47
N ILE A 53 10.58 22.64 -42.27
CA ILE A 53 11.58 21.68 -41.75
C ILE A 53 13.02 22.14 -41.92
N TYR A 54 13.82 21.86 -40.90
CA TYR A 54 15.23 22.20 -40.92
C TYR A 54 16.02 20.95 -41.23
N GLU A 55 17.14 21.12 -41.92
CA GLU A 55 17.99 19.99 -42.32
C GLU A 55 18.92 19.51 -41.20
N SER A 56 19.19 20.39 -40.24
CA SER A 56 20.07 20.06 -39.13
C SER A 56 19.68 20.82 -37.88
N TYR A 57 20.08 20.31 -36.72
CA TYR A 57 19.84 21.00 -35.47
C TYR A 57 20.69 22.27 -35.42
N GLU A 58 21.91 22.18 -35.94
CA GLU A 58 22.79 23.34 -36.16
C GLU A 58 22.08 24.47 -36.90
N ALA A 59 21.27 24.14 -37.91
CA ALA A 59 20.54 25.13 -38.72
C ALA A 59 19.39 25.80 -37.95
N VAL A 60 18.75 25.06 -37.05
CA VAL A 60 17.74 25.61 -36.15
C VAL A 60 18.39 26.66 -35.27
N LEU A 61 19.54 26.30 -34.70
CA LEU A 61 20.21 27.14 -33.72
C LEU A 61 20.91 28.36 -34.34
N ALA A 62 21.25 28.26 -35.62
CA ALA A 62 21.80 29.38 -36.37
C ALA A 62 20.74 30.38 -36.84
N ASP A 63 19.47 29.95 -36.84
CA ASP A 63 18.37 30.78 -37.30
C ASP A 63 18.01 31.88 -36.30
N GLU A 64 18.26 33.14 -36.69
CA GLU A 64 17.94 34.31 -35.86
C GLU A 64 16.44 34.51 -35.62
N LYS A 65 15.62 33.94 -36.50
CA LYS A 65 14.16 34.02 -36.37
C LYS A 65 13.61 33.14 -35.23
N VAL A 66 14.39 32.15 -34.79
CA VAL A 66 13.97 31.21 -33.75
C VAL A 66 14.22 31.80 -32.37
N ASP A 67 13.19 31.78 -31.51
CA ASP A 67 13.33 32.28 -30.15
C ASP A 67 13.49 31.16 -29.13
N ALA A 68 12.92 30.00 -29.42
CA ALA A 68 12.84 28.91 -28.45
C ALA A 68 12.79 27.56 -29.13
N VAL A 69 13.26 26.53 -28.43
CA VAL A 69 13.09 25.17 -28.92
C VAL A 69 12.33 24.30 -27.93
N LEU A 70 11.55 23.38 -28.48
CA LEU A 70 10.89 22.35 -27.71
C LEU A 70 11.66 21.05 -27.94
N ILE A 71 12.16 20.45 -26.86
CA ILE A 71 12.88 19.16 -26.96
C ILE A 71 11.99 17.98 -26.60
N ALA A 72 11.64 17.19 -27.62
CA ALA A 72 10.81 16.02 -27.42
C ALA A 72 11.48 14.77 -28.01
N THR A 73 12.76 14.60 -27.69
CA THR A 73 13.55 13.44 -28.12
C THR A 73 13.61 12.43 -26.95
N PRO A 74 14.09 11.19 -27.20
CA PRO A 74 14.34 10.27 -26.07
C PRO A 74 15.22 10.86 -24.96
N ASN A 75 15.10 10.32 -23.76
CA ASN A 75 15.62 10.97 -22.56
C ASN A 75 17.11 11.23 -22.50
N ASP A 76 17.90 10.38 -23.14
CA ASP A 76 19.36 10.46 -23.09
C ASP A 76 19.93 11.63 -23.88
N SER A 77 19.14 12.15 -24.82
CA SER A 77 19.60 13.27 -25.64
C SER A 77 19.19 14.67 -25.13
N HIS A 78 18.39 14.73 -24.05
CA HIS A 78 17.81 16.01 -23.63
C HIS A 78 18.86 17.03 -23.22
N LYS A 79 19.86 16.57 -22.46
CA LYS A 79 20.83 17.47 -21.86
C LYS A 79 21.68 18.19 -22.91
N GLU A 80 22.20 17.44 -23.88
CA GLU A 80 23.09 18.00 -24.93
C GLU A 80 22.35 19.00 -25.81
N LEU A 81 21.14 18.63 -26.24
CA LEU A 81 20.30 19.49 -27.07
C LEU A 81 19.87 20.76 -26.35
N ALA A 82 19.57 20.65 -25.06
CA ALA A 82 19.19 21.81 -24.25
C ALA A 82 20.35 22.77 -24.05
N ILE A 83 21.51 22.25 -23.65
CA ILE A 83 22.68 23.10 -23.44
C ILE A 83 23.10 23.77 -24.76
N SER A 84 23.08 23.01 -25.86
CA SER A 84 23.31 23.59 -27.19
C SER A 84 22.37 24.74 -27.54
N ALA A 85 21.08 24.57 -27.27
CA ALA A 85 20.10 25.59 -27.59
C ALA A 85 20.32 26.83 -26.73
N LEU A 86 20.53 26.61 -25.43
CA LEU A 86 20.83 27.71 -24.54
C LEU A 86 22.03 28.53 -25.01
N GLU A 87 23.17 27.86 -25.24
CA GLU A 87 24.39 28.53 -25.76
C GLU A 87 24.16 29.33 -27.02
N ALA A 88 23.30 28.81 -27.89
CA ALA A 88 22.89 29.51 -29.10
C ALA A 88 21.93 30.70 -28.89
N GLY A 89 21.51 30.95 -27.65
CA GLY A 89 20.61 32.06 -27.32
C GLY A 89 19.14 31.74 -27.48
N LYS A 90 18.78 30.47 -27.34
CA LYS A 90 17.39 30.03 -27.46
C LYS A 90 16.89 29.62 -26.09
N HIS A 91 15.65 30.04 -25.77
CA HIS A 91 14.93 29.51 -24.62
C HIS A 91 14.56 28.05 -24.91
N VAL A 92 14.30 27.28 -23.85
CA VAL A 92 14.11 25.83 -24.01
C VAL A 92 12.91 25.34 -23.23
N VAL A 93 12.03 24.59 -23.91
CA VAL A 93 11.07 23.74 -23.23
C VAL A 93 11.54 22.30 -23.44
N CYS A 94 11.67 21.56 -22.35
CA CYS A 94 12.12 20.19 -22.41
C CYS A 94 11.09 19.24 -21.83
N GLU A 95 10.77 18.19 -22.59
CA GLU A 95 9.94 17.12 -22.09
C GLU A 95 10.48 16.40 -20.86
N LYS A 96 9.55 15.89 -20.05
CA LYS A 96 9.84 15.05 -18.87
CA LYS A 96 9.90 15.08 -18.88
C LYS A 96 10.40 13.69 -19.31
N PRO A 97 11.26 13.05 -18.48
CA PRO A 97 12.04 13.58 -17.35
C PRO A 97 13.08 14.46 -18.03
N VAL A 98 13.41 15.62 -17.46
CA VAL A 98 14.23 16.53 -18.22
C VAL A 98 15.61 15.97 -18.46
N THR A 99 16.17 15.34 -17.44
CA THR A 99 17.46 14.68 -17.54
C THR A 99 17.43 13.38 -16.75
N MET A 100 18.44 12.54 -16.96
CA MET A 100 18.50 11.26 -16.29
C MET A 100 19.21 11.33 -14.93
N THR A 101 19.86 12.45 -14.63
CA THR A 101 20.41 12.65 -13.28
C THR A 101 20.09 14.04 -12.78
N SER A 102 20.11 14.23 -11.47
CA SER A 102 19.83 15.53 -10.91
C SER A 102 20.98 16.49 -11.22
N GLU A 103 22.22 15.97 -11.23
CA GLU A 103 23.38 16.81 -11.54
C GLU A 103 23.31 17.37 -12.94
N ASP A 104 22.82 16.58 -13.90
CA ASP A 104 22.66 17.05 -15.27
C ASP A 104 21.76 18.29 -15.40
N LEU A 105 20.69 18.34 -14.61
CA LEU A 105 19.78 19.47 -14.67
C LEU A 105 20.44 20.69 -14.04
N LEU A 106 21.22 20.45 -12.99
CA LEU A 106 21.95 21.54 -12.34
C LEU A 106 22.90 22.21 -13.34
N ALA A 107 23.53 21.40 -14.20
CA ALA A 107 24.35 21.92 -15.30
C ALA A 107 23.57 22.79 -16.27
N ILE A 108 22.40 22.32 -16.70
CA ILE A 108 21.52 23.08 -17.57
C ILE A 108 21.06 24.40 -16.94
N MET A 109 20.65 24.32 -15.67
CA MET A 109 20.27 25.50 -14.88
C MET A 109 21.38 26.55 -14.85
N ASP A 110 22.62 26.10 -14.62
CA ASP A 110 23.80 26.95 -14.65
C ASP A 110 24.00 27.64 -15.99
N VAL A 111 23.94 26.88 -17.08
CA VAL A 111 24.05 27.44 -18.42
C VAL A 111 22.94 28.47 -18.69
N ALA A 112 21.68 28.13 -18.39
CA ALA A 112 20.54 29.04 -18.61
C ALA A 112 20.75 30.38 -17.90
N LYS A 113 21.23 30.31 -16.67
CA LYS A 113 21.53 31.51 -15.90
C LYS A 113 22.66 32.34 -16.55
N ARG A 114 23.73 31.67 -16.96
CA ARG A 114 24.88 32.32 -17.58
C ARG A 114 24.57 33.00 -18.90
N VAL A 115 23.69 32.42 -19.71
CA VAL A 115 23.35 33.01 -20.99
C VAL A 115 22.10 33.89 -20.93
N ASN A 116 21.49 34.00 -19.75
CA ASN A 116 20.27 34.77 -19.52
C ASN A 116 19.11 34.32 -20.44
N LYS A 117 18.85 33.02 -20.43
CA LYS A 117 17.71 32.44 -21.18
C LYS A 117 16.93 31.52 -20.24
N HIS A 118 15.71 31.14 -20.65
CA HIS A 118 14.85 30.36 -19.77
C HIS A 118 14.82 28.90 -20.19
N PHE A 119 14.84 28.03 -19.18
CA PHE A 119 14.64 26.61 -19.38
C PHE A 119 13.42 26.21 -18.55
N MET A 120 12.49 25.49 -19.17
CA MET A 120 11.26 25.03 -18.48
C MET A 120 10.97 23.58 -18.78
N VAL A 121 10.63 22.80 -17.75
CA VAL A 121 10.21 21.41 -17.90
C VAL A 121 8.72 21.32 -18.20
N HIS A 122 8.34 20.48 -19.15
CA HIS A 122 6.96 20.30 -19.48
C HIS A 122 6.27 19.35 -18.52
N GLN A 123 5.97 19.82 -17.32
CA GLN A 123 5.22 19.03 -16.36
C GLN A 123 3.72 19.26 -16.58
N ASN A 124 3.19 18.77 -17.71
CA ASN A 124 1.83 19.05 -18.11
C ASN A 124 0.78 18.42 -17.19
N ARG A 125 1.14 17.38 -16.45
CA ARG A 125 0.14 16.69 -15.62
C ARG A 125 -0.18 17.38 -14.30
N ARG A 126 0.49 18.50 -14.03
CA ARG A 126 0.10 19.39 -12.95
C ARG A 126 -1.26 20.03 -13.24
N TRP A 127 -1.66 20.05 -14.51
CA TRP A 127 -2.96 20.57 -14.94
C TRP A 127 -4.04 19.49 -15.03
N ASP A 128 -3.71 18.24 -14.71
CA ASP A 128 -4.66 17.12 -14.75
C ASP A 128 -5.83 17.39 -13.80
N GLU A 129 -7.04 17.20 -14.30
CA GLU A 129 -8.28 17.52 -13.56
C GLU A 129 -8.43 16.70 -12.25
N ASP A 130 -8.16 15.40 -12.33
CA ASP A 130 -8.15 14.54 -11.14
C ASP A 130 -7.18 15.06 -10.07
N PHE A 131 -6.00 15.48 -10.47
CA PHE A 131 -5.01 16.01 -9.54
C PHE A 131 -5.47 17.34 -8.93
N LEU A 132 -6.10 18.18 -9.75
CA LEU A 132 -6.58 19.47 -9.27
C LEU A 132 -7.77 19.35 -8.30
N ILE A 133 -8.57 18.30 -8.44
CA ILE A 133 -9.55 17.90 -7.41
C ILE A 133 -8.87 17.61 -6.07
N ILE A 134 -7.79 16.82 -6.08
CA ILE A 134 -7.02 16.54 -4.86
C ILE A 134 -6.40 17.82 -4.26
N LYS A 135 -5.90 18.68 -5.15
CA LYS A 135 -5.34 19.97 -4.75
C LYS A 135 -6.41 20.83 -4.10
N GLU A 136 -7.60 20.85 -4.68
CA GLU A 136 -8.74 21.55 -4.05
C GLU A 136 -9.04 21.01 -2.64
N MET A 137 -9.14 19.67 -2.53
CA MET A 137 -9.39 19.02 -1.24
C MET A 137 -8.30 19.35 -0.23
N PHE A 138 -7.04 19.32 -0.68
CA PHE A 138 -5.87 19.54 0.15
C PHE A 138 -5.88 20.97 0.72
N GLU A 139 -6.14 21.94 -0.16
CA GLU A 139 -6.07 23.36 0.21
C GLU A 139 -7.28 23.83 1.01
N GLN A 140 -8.45 23.33 0.63
CA GLN A 140 -9.70 23.73 1.29
C GLN A 140 -10.04 22.90 2.53
N LYS A 141 -9.16 21.95 2.85
CA LYS A 141 -9.34 21.00 3.96
C LYS A 141 -10.65 20.24 3.93
N THR A 142 -11.06 19.80 2.73
CA THR A 142 -12.32 19.10 2.52
C THR A 142 -12.48 17.86 3.39
N ILE A 143 -11.39 17.12 3.59
CA ILE A 143 -11.41 16.00 4.51
C ILE A 143 -10.52 16.29 5.73
N GLY A 144 -10.52 17.55 6.14
CA GLY A 144 -9.62 18.03 7.20
C GLY A 144 -8.21 18.16 6.66
N GLU A 145 -7.23 17.93 7.54
CA GLU A 145 -5.82 17.90 7.16
C GLU A 145 -5.48 16.58 6.49
N MET A 146 -5.17 16.64 5.20
CA MET A 146 -4.83 15.46 4.41
C MET A 146 -3.43 15.03 4.84
N PHE A 147 -3.31 13.81 5.36
CA PHE A 147 -2.02 13.35 5.90
C PHE A 147 -1.46 12.12 5.18
N HIS A 148 -2.24 11.53 4.28
CA HIS A 148 -1.78 10.36 3.60
C HIS A 148 -2.41 10.31 2.21
N LEU A 149 -1.59 10.16 1.17
CA LEU A 149 -2.09 10.16 -0.22
C LEU A 149 -1.64 8.94 -0.99
N GLU A 150 -2.52 8.32 -1.75
CA GLU A 150 -2.07 7.19 -2.53
C GLU A 150 -2.45 7.49 -3.97
N SER A 151 -1.45 7.50 -4.85
CA SER A 151 -1.61 7.91 -6.23
C SER A 151 -1.14 6.76 -7.10
N ARG A 152 -2.03 6.22 -7.93
CA ARG A 152 -1.73 4.98 -8.65
C ARG A 152 -2.12 5.11 -10.12
N VAL A 153 -1.22 4.70 -11.00
CA VAL A 153 -1.60 4.53 -12.40
C VAL A 153 -1.39 3.07 -12.77
N HIS A 154 -2.50 2.36 -12.96
CA HIS A 154 -2.47 0.93 -13.26
C HIS A 154 -3.00 0.67 -14.66
N GLY A 155 -2.49 -0.35 -15.30
CA GLY A 155 -3.00 -0.77 -16.61
C GLY A 155 -2.42 -2.10 -16.97
N ALA A 156 -2.83 -2.70 -18.08
CA ALA A 156 -2.22 -3.94 -18.51
C ALA A 156 -1.81 -3.89 -19.99
N ASN A 157 -1.03 -2.87 -20.33
CA ASN A 157 -0.55 -2.70 -21.71
C ASN A 157 0.97 -2.82 -21.85
N GLY A 158 1.66 -3.03 -20.73
CA GLY A 158 3.11 -3.19 -20.76
C GLY A 158 3.83 -1.88 -20.98
N ILE A 159 5.07 -1.95 -21.45
CA ILE A 159 5.89 -0.78 -21.75
C ILE A 159 5.78 -0.45 -23.25
N PRO A 160 5.39 0.80 -23.59
CA PRO A 160 5.11 1.16 -24.99
C PRO A 160 6.37 1.42 -25.80
N GLY A 161 6.29 1.16 -27.11
CA GLY A 161 7.45 1.20 -27.99
C GLY A 161 8.38 0.03 -27.72
N ASP A 162 9.72 0.11 -27.93
CA ASP A 162 10.62 1.20 -28.41
C ASP A 162 11.74 1.52 -27.40
N TRP A 163 12.33 2.70 -27.50
CA TRP A 163 13.46 3.14 -26.67
C TRP A 163 13.20 3.13 -25.15
N ARG A 164 11.92 3.17 -24.77
CA ARG A 164 11.49 3.05 -23.38
C ARG A 164 11.77 1.70 -22.72
N HIS A 165 12.12 0.69 -23.51
CA HIS A 165 12.52 -0.62 -22.97
C HIS A 165 13.99 -0.67 -22.54
N LEU A 166 14.75 0.39 -22.81
CA LEU A 166 16.21 0.35 -22.69
C LEU A 166 16.74 1.31 -21.65
N LYS A 167 17.68 0.83 -20.83
CA LYS A 167 18.33 1.66 -19.80
C LYS A 167 19.10 2.86 -20.38
N ALA A 168 19.66 2.64 -21.57
CA ALA A 168 20.51 3.64 -22.25
C ALA A 168 19.76 4.92 -22.53
N HIS A 169 18.47 4.78 -22.86
CA HIS A 169 17.62 5.90 -23.25
C HIS A 169 16.71 6.38 -22.13
N GLY A 170 16.99 5.95 -20.89
CA GLY A 170 16.23 6.38 -19.71
C GLY A 170 14.82 5.84 -19.74
N GLY A 171 14.69 4.57 -20.08
CA GLY A 171 13.41 3.88 -20.14
C GLY A 171 12.88 3.41 -18.81
N GLY A 172 11.76 2.68 -18.86
CA GLY A 172 11.11 2.23 -17.63
C GLY A 172 10.04 3.16 -17.07
N MET A 173 9.23 2.63 -16.15
CA MET A 173 8.07 3.36 -15.63
C MET A 173 8.34 4.43 -14.59
N VAL A 174 9.41 4.27 -13.80
CA VAL A 174 9.80 5.34 -12.85
C VAL A 174 10.03 6.64 -13.65
N LEU A 175 10.79 6.52 -14.73
CA LEU A 175 11.14 7.67 -15.55
C LEU A 175 10.01 8.15 -16.48
N ASP A 176 9.05 7.27 -16.75
CA ASP A 176 7.96 7.59 -17.64
C ASP A 176 6.78 8.19 -16.87
N TRP A 177 6.09 7.37 -16.09
CA TRP A 177 4.93 7.83 -15.34
C TRP A 177 5.31 8.34 -13.97
N GLY A 178 6.33 7.73 -13.37
CA GLY A 178 6.75 8.10 -12.02
C GLY A 178 7.05 9.57 -11.89
N VAL A 179 7.76 10.14 -12.86
CA VAL A 179 8.08 11.55 -12.82
C VAL A 179 6.82 12.43 -12.76
N HIS A 180 5.77 12.10 -13.52
CA HIS A 180 4.49 12.84 -13.41
C HIS A 180 3.89 12.77 -12.02
N LEU A 181 3.86 11.56 -11.45
CA LEU A 181 3.15 11.35 -10.18
C LEU A 181 3.94 11.94 -9.04
N LEU A 182 5.25 11.85 -9.12
CA LEU A 182 6.11 12.38 -8.05
C LEU A 182 6.17 13.89 -8.08
N ASP A 183 6.09 14.43 -9.28
CA ASP A 183 6.06 15.88 -9.50
C ASP A 183 4.76 16.50 -8.96
N GLN A 184 3.63 15.87 -9.28
CA GLN A 184 2.33 16.19 -8.65
C GLN A 184 2.45 16.24 -7.13
N LEU A 185 3.01 15.19 -6.56
CA LEU A 185 3.10 15.08 -5.09
C LEU A 185 3.95 16.16 -4.45
N LEU A 186 5.11 16.41 -5.06
CA LEU A 186 6.06 17.39 -4.52
C LEU A 186 5.60 18.83 -4.76
N PHE A 187 4.88 19.02 -5.86
CA PHE A 187 4.18 20.28 -6.13
C PHE A 187 3.08 20.54 -5.08
N LEU A 188 2.34 19.49 -4.68
CA LEU A 188 1.26 19.64 -3.69
C LEU A 188 1.76 19.89 -2.26
N VAL A 189 2.70 19.06 -1.81
CA VAL A 189 3.14 19.06 -0.42
C VAL A 189 4.26 20.07 -0.23
N ASP A 190 4.11 20.97 0.74
CA ASP A 190 5.13 21.97 1.01
C ASP A 190 5.97 21.50 2.19
N SER A 191 6.78 20.48 1.90
CA SER A 191 7.61 19.84 2.91
C SER A 191 8.70 19.02 2.20
N ASN A 192 9.85 18.92 2.86
CA ASN A 192 10.97 18.15 2.34
C ASN A 192 10.72 16.66 2.56
N VAL A 193 11.19 15.84 1.62
CA VAL A 193 11.15 14.39 1.78
C VAL A 193 12.13 13.97 2.87
N LYS A 194 11.63 13.19 3.83
CA LYS A 194 12.43 12.63 4.91
C LYS A 194 12.96 11.24 4.55
N SER A 195 12.11 10.38 3.98
CA SER A 195 12.54 9.03 3.65
C SER A 195 11.78 8.43 2.48
N VAL A 196 12.40 7.43 1.83
CA VAL A 196 11.82 6.75 0.66
C VAL A 196 12.20 5.27 0.73
N SER A 197 11.23 4.38 0.55
CA SER A 197 11.54 2.98 0.30
C SER A 197 10.85 2.70 -1.03
N ALA A 198 11.34 1.75 -1.77
CA ALA A 198 10.77 1.44 -3.10
C ALA A 198 11.09 0.05 -3.50
N ASN A 199 10.25 -0.48 -4.39
CA ASN A 199 10.51 -1.76 -5.01
CA ASN A 199 10.44 -1.79 -4.97
C ASN A 199 10.06 -1.64 -6.43
N LEU A 200 10.85 -2.20 -7.34
CA LEU A 200 10.57 -2.11 -8.77
C LEU A 200 10.01 -3.42 -9.28
N SER A 201 9.20 -3.35 -10.32
CA SER A 201 8.70 -4.56 -10.94
C SER A 201 9.48 -4.88 -12.22
N PHE A 202 9.93 -6.14 -12.34
CA PHE A 202 10.55 -6.62 -13.56
C PHE A 202 9.84 -7.88 -14.01
N ALA A 203 8.51 -7.87 -13.87
CA ALA A 203 7.67 -9.01 -14.15
C ALA A 203 7.57 -9.29 -15.65
N LEU A 204 7.83 -8.28 -16.47
CA LEU A 204 7.84 -8.46 -17.91
C LEU A 204 9.18 -8.97 -18.43
N GLY A 205 10.22 -8.88 -17.61
CA GLY A 205 11.53 -9.43 -17.95
C GLY A 205 12.44 -8.50 -18.74
N ASP A 206 12.08 -7.21 -18.79
CA ASP A 206 12.91 -6.19 -19.45
C ASP A 206 14.06 -5.76 -18.58
N GLU A 207 15.03 -5.05 -19.18
CA GLU A 207 16.17 -4.52 -18.44
C GLU A 207 15.80 -3.28 -17.61
N VAL A 208 14.64 -2.71 -17.94
CA VAL A 208 14.07 -1.59 -17.17
C VAL A 208 12.79 -2.02 -16.45
N ASP A 209 12.43 -1.26 -15.42
CA ASP A 209 11.25 -1.51 -14.60
C ASP A 209 9.94 -1.32 -15.37
N ASP A 210 9.00 -2.23 -15.18
CA ASP A 210 7.69 -2.13 -15.82
C ASP A 210 6.66 -1.58 -14.84
N GLY A 211 7.15 -1.26 -13.65
CA GLY A 211 6.29 -0.69 -12.64
C GLY A 211 7.09 -0.51 -11.38
N PHE A 212 6.49 0.16 -10.41
CA PHE A 212 7.13 0.36 -9.10
C PHE A 212 6.11 0.70 -8.05
N VAL A 213 6.57 0.71 -6.80
CA VAL A 213 5.80 1.29 -5.73
C VAL A 213 6.83 1.96 -4.84
N THR A 214 6.47 3.09 -4.26
CA THR A 214 7.33 3.76 -3.32
C THR A 214 6.52 4.30 -2.14
N PHE A 215 7.11 4.31 -0.94
CA PHE A 215 6.42 4.86 0.21
C PHE A 215 7.30 5.99 0.68
N ILE A 216 6.73 7.20 0.67
CA ILE A 216 7.46 8.42 0.94
C ILE A 216 6.96 9.02 2.24
N THR A 217 7.89 9.49 3.08
CA THR A 217 7.50 10.23 4.27
C THR A 217 8.13 11.63 4.20
N PHE A 218 7.35 12.65 4.57
CA PHE A 218 7.81 14.05 4.55
C PHE A 218 8.20 14.46 5.95
N GLU A 219 8.94 15.56 6.07
CA GLU A 219 9.37 16.06 7.40
C GLU A 219 8.20 16.46 8.29
N ASN A 220 7.07 16.86 7.68
CA ASN A 220 5.87 17.21 8.43
C ASN A 220 4.93 16.03 8.78
N GLY A 221 5.36 14.81 8.48
CA GLY A 221 4.62 13.62 8.92
C GLY A 221 3.71 13.07 7.84
N ILE A 222 3.54 13.80 6.75
CA ILE A 222 2.69 13.33 5.63
C ILE A 222 3.32 12.12 4.98
N THR A 223 2.48 11.15 4.60
CA THR A 223 3.00 9.96 3.98
C THR A 223 2.31 9.79 2.62
N ALA A 224 2.96 9.10 1.72
CA ALA A 224 2.39 8.88 0.39
C ALA A 224 2.86 7.58 -0.14
N GLN A 225 2.00 6.94 -0.93
CA GLN A 225 2.40 5.77 -1.64
C GLN A 225 2.11 6.07 -3.09
N ILE A 226 3.12 5.92 -3.95
CA ILE A 226 3.00 6.20 -5.40
C ILE A 226 3.25 4.91 -6.12
N GLU A 227 2.42 4.61 -7.12
CA GLU A 227 2.57 3.31 -7.71
C GLU A 227 2.26 3.46 -9.17
N VAL A 228 2.99 2.75 -10.01
CA VAL A 228 2.65 2.59 -11.42
C VAL A 228 2.72 1.11 -11.67
N GLY A 229 1.78 0.59 -12.45
CA GLY A 229 1.86 -0.80 -12.82
C GLY A 229 1.38 -0.92 -14.25
N THR A 230 2.01 -1.80 -15.01
CA THR A 230 1.64 -2.05 -16.41
C THR A 230 1.26 -3.50 -16.64
N THR A 231 1.03 -4.22 -15.53
CA THR A 231 0.70 -5.66 -15.56
C THR A 231 -0.55 -5.94 -14.72
N ASN A 232 -1.40 -4.92 -14.60
CA ASN A 232 -2.56 -4.98 -13.71
C ASN A 232 -3.83 -5.07 -14.53
N PHE A 233 -4.38 -6.29 -14.61
CA PHE A 233 -5.58 -6.54 -15.38
C PHE A 233 -6.83 -6.03 -14.67
N ILE A 234 -6.66 -5.69 -13.40
CA ILE A 234 -7.67 -4.99 -12.62
C ILE A 234 -6.95 -3.80 -12.00
N LYS A 235 -7.56 -2.62 -12.11
CA LYS A 235 -6.96 -1.38 -11.64
CA LYS A 235 -6.97 -1.37 -11.64
C LYS A 235 -7.45 -1.03 -10.25
N LEU A 236 -6.55 -0.57 -9.38
CA LEU A 236 -6.93 0.03 -8.12
C LEU A 236 -7.25 1.51 -8.40
N PRO A 237 -7.89 2.25 -7.46
CA PRO A 237 -8.21 3.66 -7.77
C PRO A 237 -7.03 4.56 -8.12
N ARG A 238 -7.30 5.56 -8.95
CA ARG A 238 -6.33 6.59 -9.30
C ARG A 238 -5.86 7.33 -8.04
N TRP A 239 -6.80 7.70 -7.17
CA TRP A 239 -6.45 8.44 -5.92
C TRP A 239 -7.17 7.82 -4.73
N TYR A 240 -6.49 7.73 -3.60
CA TYR A 240 -7.12 7.32 -2.35
C TYR A 240 -6.42 8.15 -1.30
N VAL A 241 -7.18 9.03 -0.66
CA VAL A 241 -6.57 10.03 0.22
C VAL A 241 -7.23 10.04 1.60
N LYS A 242 -6.44 10.29 2.65
CA LYS A 242 -6.94 10.20 4.00
C LYS A 242 -6.61 11.48 4.73
N GLY A 243 -7.56 11.97 5.50
CA GLY A 243 -7.40 13.17 6.31
C GLY A 243 -8.00 12.98 7.67
N THR A 244 -7.75 13.94 8.57
CA THR A 244 -8.29 13.92 9.93
C THR A 244 -9.83 13.93 10.01
N GLU A 245 -10.48 14.34 8.92
CA GLU A 245 -11.93 14.46 8.89
C GLU A 245 -12.49 13.85 7.61
N GLY A 246 -12.06 12.65 7.27
CA GLY A 246 -12.63 11.96 6.11
C GLY A 246 -11.62 11.28 5.23
N THR A 247 -12.13 10.68 4.16
CA THR A 247 -11.38 9.89 3.22
C THR A 247 -12.00 10.20 1.85
N GLY A 248 -11.17 10.27 0.82
CA GLY A 248 -11.65 10.48 -0.56
C GLY A 248 -11.11 9.46 -1.55
N ILE A 249 -11.83 9.27 -2.64
CA ILE A 249 -11.40 8.32 -3.64
C ILE A 249 -11.75 8.91 -4.99
N ILE A 250 -10.81 8.80 -5.94
CA ILE A 250 -11.08 9.07 -7.35
C ILE A 250 -10.75 7.76 -8.07
N HIS A 251 -11.77 7.12 -8.62
CA HIS A 251 -11.57 5.79 -9.19
C HIS A 251 -10.68 5.78 -10.42
N ASP A 252 -10.95 6.70 -11.34
CA ASP A 252 -10.48 6.59 -12.70
C ASP A 252 -10.36 7.99 -13.34
N TRP A 253 -9.88 8.04 -14.58
CA TRP A 253 -9.77 9.27 -15.37
C TRP A 253 -11.13 9.95 -15.65
N ASP A 254 -12.22 9.19 -15.56
CA ASP A 254 -13.56 9.76 -15.71
C ASP A 254 -14.01 10.61 -14.50
N LEU A 255 -13.19 10.63 -13.44
CA LEU A 255 -13.41 11.48 -12.25
C LEU A 255 -14.55 11.02 -11.33
N SER A 256 -14.98 9.77 -11.48
CA SER A 256 -15.94 9.18 -10.55
C SER A 256 -15.28 8.95 -9.19
N GLY A 257 -16.08 9.05 -8.14
CA GLY A 257 -15.60 8.86 -6.78
C GLY A 257 -16.42 9.67 -5.80
N GLU A 258 -15.94 9.74 -4.56
CA GLU A 258 -16.71 10.37 -3.53
C GLU A 258 -15.85 10.65 -2.34
N ILE A 259 -16.45 11.32 -1.39
CA ILE A 259 -15.83 11.62 -0.12
C ILE A 259 -16.77 11.14 0.97
N VAL A 260 -16.22 10.53 2.02
CA VAL A 260 -16.98 10.16 3.20
C VAL A 260 -16.33 10.81 4.43
N LYS A 261 -17.12 11.52 5.23
CA LYS A 261 -16.60 12.26 6.39
C LYS A 261 -17.36 11.83 7.64
N PRO A 262 -16.71 11.91 8.82
CA PRO A 262 -17.42 11.69 10.08
C PRO A 262 -18.33 12.88 10.43
N THR A 263 -19.42 12.60 11.16
CA THR A 263 -20.26 13.65 11.74
C THR A 263 -19.96 13.74 13.23
N ALA A 264 -20.54 14.75 13.88
CA ALA A 264 -20.43 14.90 15.36
C ALA A 264 -21.18 13.81 16.13
N LEU A 265 -22.01 13.03 15.44
CA LEU A 265 -22.79 11.95 16.07
C LEU A 265 -22.04 10.61 16.10
N ALA A 266 -20.91 10.55 15.40
CA ALA A 266 -20.08 9.33 15.34
C ALA A 266 -19.53 8.90 16.70
N LYS A 267 -19.24 9.87 17.56
CA LYS A 267 -18.64 9.64 18.88
C LYS A 267 -19.58 8.91 19.86
N THR A 268 -20.88 9.15 19.73
CA THR A 268 -21.87 8.57 20.65
C THR A 268 -22.61 7.37 20.05
N SER A 269 -22.30 7.04 18.80
CA SER A 269 -22.97 5.94 18.12
C SER A 269 -22.13 4.66 18.16
N GLU A 270 -22.77 3.54 17.90
CA GLU A 270 -22.09 2.25 17.84
C GLU A 270 -22.61 1.44 16.67
N PRO A 271 -21.70 0.93 15.82
CA PRO A 271 -22.07 0.16 14.63
C PRO A 271 -22.70 -1.19 14.98
N THR A 272 -23.60 -1.67 14.13
CA THR A 272 -24.16 -3.00 14.30
C THR A 272 -23.24 -4.01 13.60
N PRO A 273 -22.78 -5.04 14.35
CA PRO A 273 -21.83 -6.03 13.87
C PRO A 273 -22.25 -6.82 12.61
N ILE A 274 -21.26 -7.27 11.84
CA ILE A 274 -21.49 -8.22 10.76
C ILE A 274 -20.66 -9.48 10.98
N LYS A 275 -20.98 -10.49 10.18
CA LYS A 275 -20.14 -11.66 9.99
C LYS A 275 -19.01 -11.25 9.04
N ALA A 276 -17.79 -11.18 9.57
CA ALA A 276 -16.61 -10.97 8.75
C ALA A 276 -15.74 -12.21 8.82
N GLY A 277 -15.79 -13.03 7.78
CA GLY A 277 -15.09 -14.33 7.78
C GLY A 277 -15.62 -15.21 8.92
N GLN A 278 -14.71 -15.67 9.77
CA GLN A 278 -15.05 -16.60 10.86
C GLN A 278 -15.47 -15.93 12.16
N GLY A 279 -15.53 -14.60 12.16
CA GLY A 279 -15.80 -13.87 13.39
C GLY A 279 -16.76 -12.72 13.24
N LEU A 280 -17.36 -12.32 14.37
CA LEU A 280 -18.21 -11.14 14.42
C LEU A 280 -17.34 -9.92 14.69
N THR A 281 -17.57 -8.85 13.94
CA THR A 281 -16.81 -7.61 14.13
C THR A 281 -17.70 -6.37 14.27
N LYS A 282 -17.35 -5.53 15.24
CA LYS A 282 -17.99 -4.24 15.43
C LYS A 282 -17.09 -3.14 14.84
N THR A 283 -15.79 -3.20 15.16
CA THR A 283 -14.80 -2.20 14.73
C THR A 283 -14.56 -2.14 13.21
N MET A 284 -14.75 -3.26 12.52
CA MET A 284 -14.57 -3.29 11.06
C MET A 284 -15.91 -3.37 10.33
N ALA A 285 -17.00 -3.18 11.08
CA ALA A 285 -18.35 -3.07 10.51
C ALA A 285 -18.58 -1.66 10.00
N PRO A 286 -19.46 -1.48 8.97
CA PRO A 286 -19.79 -0.12 8.56
C PRO A 286 -20.29 0.71 9.75
N PRO A 287 -19.90 2.00 9.82
CA PRO A 287 -20.44 2.84 10.89
C PRO A 287 -21.96 2.98 10.75
N SER A 288 -22.63 3.32 11.85
CA SER A 288 -24.08 3.56 11.80
C SER A 288 -24.39 4.72 10.85
N GLU A 289 -25.61 4.73 10.29
CA GLU A 289 -26.05 5.74 9.31
C GLU A 289 -25.77 7.19 9.77
N GLU A 290 -26.06 7.46 11.04
CA GLU A 290 -25.86 8.78 11.64
C GLU A 290 -24.39 9.26 11.74
N ALA A 291 -23.45 8.31 11.70
CA ALA A 291 -22.02 8.58 11.94
C ALA A 291 -21.25 9.26 10.79
N THR A 292 -21.76 9.18 9.57
CA THR A 292 -21.01 9.71 8.43
C THR A 292 -21.88 10.53 7.47
N ASN A 293 -21.22 11.38 6.70
CA ASN A 293 -21.80 12.05 5.54
C ASN A 293 -21.07 11.64 4.27
N THR A 294 -21.82 11.44 3.20
CA THR A 294 -21.20 11.16 1.91
C THR A 294 -21.39 12.34 0.97
N LEU A 295 -20.28 12.79 0.38
CA LEU A 295 -20.25 13.98 -0.45
C LEU A 295 -19.72 13.66 -1.84
N SER A 296 -20.09 14.49 -2.80
CA SER A 296 -19.46 14.48 -4.11
C SER A 296 -18.06 15.05 -3.98
N LEU A 297 -17.19 14.67 -4.91
CA LEU A 297 -15.89 15.31 -5.09
C LEU A 297 -16.09 16.77 -5.47
N PRO A 298 -15.24 17.68 -4.95
CA PRO A 298 -15.35 19.09 -5.27
C PRO A 298 -15.01 19.35 -6.74
N ALA A 299 -15.31 20.57 -7.21
CA ALA A 299 -14.81 21.05 -8.49
C ALA A 299 -13.29 21.19 -8.36
N PRO A 300 -12.55 20.94 -9.45
CA PRO A 300 -11.08 21.04 -9.38
C PRO A 300 -10.61 22.45 -9.08
N ALA A 301 -9.49 22.57 -8.36
CA ALA A 301 -8.82 23.85 -8.17
C ALA A 301 -8.42 24.45 -9.53
N LYS A 302 -8.17 25.75 -9.56
CA LYS A 302 -7.73 26.37 -10.81
C LYS A 302 -6.20 26.34 -10.91
N LEU A 303 -5.67 25.89 -12.04
CA LEU A 303 -4.26 26.13 -12.36
C LEU A 303 -4.18 26.95 -13.64
N ALA A 304 -3.85 28.22 -13.48
CA ALA A 304 -3.93 29.19 -14.57
C ALA A 304 -2.70 30.07 -14.68
N PRO A 305 -2.28 30.39 -15.92
CA PRO A 305 -2.82 29.99 -17.21
C PRO A 305 -2.28 28.62 -17.62
N SER A 306 -2.50 28.24 -18.88
CA SER A 306 -1.96 27.01 -19.43
C SER A 306 -0.43 27.04 -19.35
N PHE A 307 0.19 25.86 -19.48
CA PHE A 307 1.65 25.74 -19.45
C PHE A 307 2.32 26.71 -20.45
N TYR A 308 1.90 26.65 -21.71
CA TYR A 308 2.54 27.45 -22.74
C TYR A 308 2.27 28.95 -22.64
N ASN A 309 1.12 29.35 -22.08
CA ASN A 309 0.86 30.76 -21.84
C ASN A 309 1.68 31.26 -20.67
N ASN A 310 1.89 30.38 -19.70
CA ASN A 310 2.78 30.72 -18.60
C ASN A 310 4.25 30.86 -19.06
N PHE A 311 4.69 29.94 -19.92
CA PHE A 311 6.04 30.00 -20.54
C PHE A 311 6.26 31.35 -21.24
N VAL A 312 5.29 31.78 -22.06
CA VAL A 312 5.31 33.11 -22.71
C VAL A 312 5.36 34.25 -21.70
N ASP A 313 4.54 34.16 -20.67
CA ASP A 313 4.51 35.17 -19.60
C ASP A 313 5.85 35.28 -18.88
N VAL A 314 6.54 34.14 -18.74
CA VAL A 314 7.90 34.08 -18.18
C VAL A 314 8.88 34.77 -19.13
N LEU A 315 8.77 34.48 -20.43
CA LEU A 315 9.61 35.12 -21.46
C LEU A 315 9.42 36.62 -21.52
N ASN A 316 8.18 37.07 -21.31
CA ASN A 316 7.82 38.49 -21.32
C ASN A 316 8.07 39.16 -19.97
N ASN A 317 8.60 38.38 -19.03
CA ASN A 317 8.90 38.80 -17.65
C ASN A 317 7.71 39.42 -16.88
N THR A 318 6.51 38.89 -17.11
CA THR A 318 5.32 39.36 -16.40
C THR A 318 4.81 38.41 -15.33
N SER A 319 5.41 37.23 -15.25
CA SER A 319 4.95 36.19 -14.31
C SER A 319 6.09 35.26 -13.90
N GLU A 320 5.99 34.73 -12.68
CA GLU A 320 6.88 33.66 -12.21
C GLU A 320 6.53 32.35 -12.91
N PRO A 321 7.51 31.44 -13.09
CA PRO A 321 7.14 30.13 -13.64
C PRO A 321 6.28 29.27 -12.69
N ILE A 322 5.31 28.55 -13.25
CA ILE A 322 4.52 27.56 -12.49
C ILE A 322 5.39 26.32 -12.23
N VAL A 323 5.95 25.76 -13.30
CA VAL A 323 6.90 24.65 -13.19
C VAL A 323 8.30 25.24 -12.96
N GLN A 324 8.73 25.25 -11.70
CA GLN A 324 10.01 25.83 -11.32
C GLN A 324 11.10 24.78 -11.40
N ASN A 325 12.29 25.19 -11.84
CA ASN A 325 13.39 24.25 -12.08
C ASN A 325 13.89 23.59 -10.81
N GLU A 326 13.87 24.34 -9.71
CA GLU A 326 14.26 23.82 -8.40
CA GLU A 326 14.28 23.80 -8.41
C GLU A 326 13.32 22.71 -7.92
N GLU A 327 12.04 22.81 -8.29
CA GLU A 327 11.07 21.75 -8.02
C GLU A 327 11.40 20.52 -8.84
N VAL A 328 11.72 20.74 -10.11
CA VAL A 328 12.06 19.68 -11.05
C VAL A 328 13.31 18.92 -10.59
N TYR A 329 14.27 19.67 -10.04
CA TYR A 329 15.49 19.16 -9.39
C TYR A 329 15.19 18.23 -8.22
N GLN A 330 14.31 18.66 -7.33
CA GLN A 330 13.92 17.85 -6.16
C GLN A 330 13.23 16.56 -6.57
N VAL A 331 12.43 16.62 -7.63
CA VAL A 331 11.85 15.40 -8.20
C VAL A 331 12.95 14.46 -8.69
N LEU A 332 13.94 14.99 -9.42
CA LEU A 332 15.01 14.12 -9.95
C LEU A 332 15.84 13.49 -8.84
N LYS A 333 16.06 14.23 -7.76
CA LYS A 333 16.71 13.71 -6.56
C LYS A 333 15.85 12.61 -5.91
N LEU A 334 14.53 12.76 -5.99
CA LEU A 334 13.61 11.75 -5.44
C LEU A 334 13.65 10.47 -6.28
N ILE A 335 13.70 10.62 -7.60
CA ILE A 335 13.86 9.48 -8.49
C ILE A 335 15.18 8.71 -8.23
N GLU A 336 16.25 9.46 -7.97
CA GLU A 336 17.55 8.89 -7.59
C GLU A 336 17.47 8.12 -6.27
N ALA A 337 16.79 8.70 -5.27
CA ALA A 337 16.51 8.00 -4.00
C ALA A 337 15.70 6.72 -4.20
N ILE A 338 14.74 6.76 -5.12
CA ILE A 338 13.88 5.61 -5.38
C ILE A 338 14.71 4.47 -5.95
N PHE A 339 15.56 4.80 -6.94
CA PHE A 339 16.39 3.79 -7.59
C PHE A 339 17.39 3.17 -6.62
N GLU A 340 17.98 4.02 -5.79
CA GLU A 340 18.88 3.58 -4.74
C GLU A 340 18.18 2.68 -3.72
N ALA A 341 16.98 3.09 -3.29
CA ALA A 341 16.19 2.34 -2.30
C ALA A 341 15.86 0.95 -2.81
N ALA A 342 15.45 0.86 -4.07
CA ALA A 342 15.13 -0.43 -4.65
C ALA A 342 16.34 -1.33 -4.93
N GLU A 343 17.44 -0.74 -5.40
CA GLU A 343 18.65 -1.55 -5.68
C GLU A 343 19.36 -2.03 -4.40
N THR A 344 19.30 -1.26 -3.32
CA THR A 344 19.93 -1.68 -2.09
C THR A 344 18.95 -2.33 -1.09
N ASN A 345 17.67 -2.40 -1.46
CA ASN A 345 16.57 -2.88 -0.58
C ASN A 345 16.64 -2.25 0.81
N ARG A 346 16.76 -0.93 0.82
CA ARG A 346 16.86 -0.18 2.04
C ARG A 346 15.94 1.02 1.96
N THR A 347 15.76 1.69 3.10
CA THR A 347 15.01 2.93 3.17
C THR A 347 16.02 4.07 3.17
N VAL A 348 15.90 4.94 2.19
CA VAL A 348 16.85 6.01 1.96
C VAL A 348 16.40 7.24 2.71
N HIS A 349 17.27 7.82 3.54
CA HIS A 349 16.95 9.03 4.30
C HIS A 349 17.59 10.28 3.71
N SER A 350 16.84 11.39 3.76
CA SER A 350 17.06 12.61 2.93
C SER A 350 16.83 12.34 1.44
N LYS B 4 -12.40 -39.46 25.16
CA LYS B 4 -13.39 -38.89 26.13
C LYS B 4 -14.19 -37.74 25.52
N LYS B 5 -15.11 -37.18 26.30
CA LYS B 5 -15.69 -35.87 25.99
C LYS B 5 -14.95 -34.82 26.82
N TYR B 6 -14.11 -34.04 26.14
CA TYR B 6 -13.18 -33.13 26.81
C TYR B 6 -13.89 -31.95 27.46
N GLN B 7 -13.38 -31.51 28.61
CA GLN B 7 -14.03 -30.45 29.36
C GLN B 7 -13.18 -29.20 29.36
N LEU B 8 -13.75 -28.10 28.85
CA LEU B 8 -13.04 -26.83 28.65
C LEU B 8 -13.59 -25.77 29.59
N VAL B 9 -12.71 -25.02 30.24
CA VAL B 9 -13.18 -23.86 30.99
C VAL B 9 -12.72 -22.58 30.30
N ILE B 10 -13.65 -21.63 30.12
CA ILE B 10 -13.35 -20.32 29.51
C ILE B 10 -12.79 -19.39 30.57
N VAL B 11 -11.59 -18.87 30.32
CA VAL B 11 -10.98 -17.93 31.25
C VAL B 11 -10.96 -16.57 30.57
N GLY B 12 -11.90 -15.72 30.95
CA GLY B 12 -12.11 -14.41 30.32
C GLY B 12 -13.39 -14.48 29.53
N TYR B 13 -14.48 -14.03 30.15
CA TYR B 13 -15.80 -14.14 29.55
C TYR B 13 -16.24 -12.79 28.98
N GLY B 14 -15.38 -12.21 28.16
CA GLY B 14 -15.69 -10.94 27.53
C GLY B 14 -16.30 -11.21 26.18
N GLY B 15 -16.03 -10.33 25.22
CA GLY B 15 -16.57 -10.43 23.86
C GLY B 15 -16.22 -11.72 23.13
N MET B 16 -14.94 -12.06 23.07
CA MET B 16 -14.51 -13.30 22.39
C MET B 16 -14.72 -14.54 23.27
N GLY B 17 -14.39 -14.44 24.55
CA GLY B 17 -14.63 -15.55 25.50
C GLY B 17 -16.05 -16.09 25.49
N SER B 18 -17.06 -15.20 25.48
CA SER B 18 -18.46 -15.66 25.44
C SER B 18 -18.84 -16.30 24.11
N TYR B 19 -18.18 -15.87 23.03
CA TYR B 19 -18.40 -16.45 21.70
C TYR B 19 -17.77 -17.85 21.55
N HIS B 20 -16.74 -18.11 22.35
CA HIS B 20 -16.10 -19.43 22.37
C HIS B 20 -16.98 -20.51 22.96
N VAL B 21 -17.98 -20.13 23.75
CA VAL B 21 -18.96 -21.12 24.23
C VAL B 21 -19.67 -21.74 23.02
N THR B 22 -20.10 -20.89 22.08
CA THR B 22 -20.69 -21.33 20.81
C THR B 22 -19.73 -22.18 19.98
N LEU B 23 -18.53 -21.66 19.71
CA LEU B 23 -17.48 -22.33 18.94
C LEU B 23 -17.06 -23.71 19.48
N ALA B 24 -16.74 -23.76 20.78
CA ALA B 24 -16.28 -24.99 21.42
C ALA B 24 -17.39 -26.04 21.46
N SER B 25 -18.62 -25.62 21.74
CA SER B 25 -19.75 -26.56 21.81
C SER B 25 -20.10 -27.14 20.45
N ALA B 26 -19.68 -26.47 19.38
CA ALA B 26 -19.93 -26.95 18.01
C ALA B 26 -19.02 -28.12 17.63
N ALA B 27 -17.93 -28.28 18.36
CA ALA B 27 -17.02 -29.40 18.15
C ALA B 27 -17.65 -30.70 18.65
N ASP B 28 -17.26 -31.82 18.03
CA ASP B 28 -17.84 -33.12 18.33
C ASP B 28 -17.71 -33.58 19.79
N ASN B 29 -16.49 -33.61 20.32
CA ASN B 29 -16.30 -34.21 21.63
C ASN B 29 -15.70 -33.24 22.64
N LEU B 30 -16.24 -32.03 22.65
CA LEU B 30 -15.77 -30.98 23.54
C LEU B 30 -16.95 -30.25 24.18
N GLU B 31 -16.83 -29.94 25.48
CA GLU B 31 -17.90 -29.28 26.22
C GLU B 31 -17.34 -28.16 27.05
N VAL B 32 -18.11 -27.09 27.17
CA VAL B 32 -17.78 -26.00 28.08
C VAL B 32 -18.27 -26.34 29.49
N HIS B 33 -17.32 -26.49 30.41
CA HIS B 33 -17.56 -27.01 31.75
C HIS B 33 -17.80 -25.89 32.76
N GLY B 34 -17.26 -24.71 32.45
CA GLY B 34 -17.33 -23.60 33.40
C GLY B 34 -16.61 -22.36 32.90
N VAL B 35 -16.58 -21.33 33.75
CA VAL B 35 -16.08 -20.02 33.37
C VAL B 35 -15.36 -19.40 34.56
N PHE B 36 -14.30 -18.66 34.30
CA PHE B 36 -13.80 -17.71 35.30
C PHE B 36 -13.55 -16.36 34.67
N ASP B 37 -14.00 -15.32 35.35
CA ASP B 37 -13.68 -13.95 34.98
C ASP B 37 -13.48 -13.16 36.26
N ILE B 38 -12.60 -12.18 36.24
CA ILE B 38 -12.35 -11.35 37.43
C ILE B 38 -13.45 -10.30 37.67
N LEU B 39 -14.28 -10.03 36.66
CA LEU B 39 -15.39 -9.09 36.82
C LEU B 39 -16.69 -9.78 37.17
N ALA B 40 -17.37 -9.25 38.19
CA ALA B 40 -18.65 -9.84 38.66
C ALA B 40 -19.74 -9.84 37.60
N GLU B 41 -19.81 -8.76 36.81
CA GLU B 41 -20.79 -8.62 35.74
C GLU B 41 -20.63 -9.66 34.63
N LYS B 42 -19.38 -10.03 34.36
CA LYS B 42 -19.09 -11.06 33.34
C LYS B 42 -19.44 -12.45 33.87
N ARG B 43 -19.12 -12.70 35.13
CA ARG B 43 -19.53 -13.94 35.81
C ARG B 43 -21.05 -14.08 35.88
N GLU B 44 -21.74 -12.97 36.14
CA GLU B 44 -23.21 -12.96 36.17
C GLU B 44 -23.81 -13.31 34.81
N ALA B 45 -23.18 -12.83 33.74
CA ALA B 45 -23.64 -13.09 32.37
C ALA B 45 -23.45 -14.55 32.01
N ALA B 46 -22.36 -15.15 32.45
CA ALA B 46 -22.09 -16.57 32.19
C ALA B 46 -23.07 -17.46 32.96
N ALA B 47 -23.37 -17.07 34.20
CA ALA B 47 -24.37 -17.77 35.03
C ALA B 47 -25.74 -17.80 34.35
N GLN B 48 -26.09 -16.72 33.66
CA GLN B 48 -27.33 -16.63 32.91
C GLN B 48 -27.45 -17.65 31.78
N LYS B 49 -26.30 -18.12 31.27
CA LYS B 49 -26.30 -19.14 30.22
C LYS B 49 -26.16 -20.54 30.80
N GLY B 50 -26.18 -20.63 32.13
CA GLY B 50 -26.14 -21.90 32.83
C GLY B 50 -24.74 -22.40 33.15
N LEU B 51 -23.75 -21.54 32.97
CA LEU B 51 -22.36 -21.96 33.10
C LEU B 51 -21.88 -21.87 34.54
N LYS B 52 -21.21 -22.93 35.01
CA LYS B 52 -20.62 -22.94 36.35
C LYS B 52 -19.55 -21.88 36.49
N ILE B 53 -19.63 -21.07 37.54
CA ILE B 53 -18.69 -20.00 37.78
C ILE B 53 -17.69 -20.46 38.83
N TYR B 54 -16.40 -20.38 38.51
CA TYR B 54 -15.37 -20.72 39.49
C TYR B 54 -15.04 -19.53 40.35
N GLU B 55 -14.67 -19.78 41.61
CA GLU B 55 -14.35 -18.70 42.54
C GLU B 55 -13.00 -18.03 42.25
N SER B 56 -12.04 -18.83 41.76
CA SER B 56 -10.71 -18.35 41.42
C SER B 56 -10.18 -19.12 40.22
N TYR B 57 -9.11 -18.60 39.61
CA TYR B 57 -8.38 -19.33 38.57
C TYR B 57 -7.73 -20.57 39.15
N GLU B 58 -7.24 -20.43 40.38
CA GLU B 58 -6.66 -21.53 41.12
CA GLU B 58 -6.68 -21.54 41.17
C GLU B 58 -7.65 -22.70 41.25
N ALA B 59 -8.92 -22.39 41.47
CA ALA B 59 -9.98 -23.40 41.55
C ALA B 59 -10.21 -24.12 40.23
N VAL B 60 -10.06 -23.40 39.11
CA VAL B 60 -10.15 -24.04 37.78
C VAL B 60 -9.07 -25.10 37.63
N LEU B 61 -7.85 -24.73 37.97
CA LEU B 61 -6.70 -25.59 37.76
C LEU B 61 -6.66 -26.77 38.72
N ALA B 62 -7.33 -26.62 39.86
CA ALA B 62 -7.37 -27.69 40.86
C ALA B 62 -8.47 -28.72 40.57
N ASP B 63 -9.37 -28.37 39.67
CA ASP B 63 -10.49 -29.25 39.31
C ASP B 63 -10.02 -30.32 38.33
N GLU B 64 -9.99 -31.56 38.80
CA GLU B 64 -9.54 -32.71 38.03
C GLU B 64 -10.49 -33.09 36.86
N LYS B 65 -11.72 -32.60 36.87
CA LYS B 65 -12.68 -32.84 35.76
C LYS B 65 -12.40 -31.98 34.53
N VAL B 66 -11.66 -30.89 34.75
CA VAL B 66 -11.31 -29.92 33.69
C VAL B 66 -10.10 -30.44 32.92
N ASP B 67 -10.25 -30.59 31.60
CA ASP B 67 -9.17 -31.06 30.72
C ASP B 67 -8.38 -29.97 30.02
N ALA B 68 -9.02 -28.83 29.77
CA ALA B 68 -8.40 -27.75 29.00
C ALA B 68 -8.94 -26.40 29.43
N VAL B 69 -8.16 -25.35 29.23
CA VAL B 69 -8.67 -24.00 29.38
C VAL B 69 -8.55 -23.21 28.09
N LEU B 70 -9.49 -22.30 27.90
CA LEU B 70 -9.44 -21.32 26.83
C LEU B 70 -9.11 -19.99 27.48
N ILE B 71 -8.03 -19.35 27.06
CA ILE B 71 -7.64 -18.04 27.61
C ILE B 71 -8.01 -16.93 26.62
N ALA B 72 -9.04 -16.17 26.97
CA ALA B 72 -9.50 -15.02 26.20
C ALA B 72 -9.49 -13.75 27.05
N THR B 73 -8.37 -13.51 27.70
CA THR B 73 -8.15 -12.33 28.51
C THR B 73 -7.37 -11.31 27.64
N PRO B 74 -7.20 -10.05 28.11
CA PRO B 74 -6.28 -9.14 27.42
C PRO B 74 -4.87 -9.69 27.29
N ASN B 75 -4.14 -9.18 26.29
CA ASN B 75 -2.92 -9.81 25.81
C ASN B 75 -1.78 -9.96 26.79
N ASP B 76 -1.67 -9.05 27.75
CA ASP B 76 -0.60 -9.12 28.76
C ASP B 76 -0.70 -10.26 29.76
N SER B 77 -1.91 -10.79 29.98
CA SER B 77 -2.09 -11.87 30.96
C SER B 77 -1.95 -13.27 30.38
N HIS B 78 -2.02 -13.39 29.05
CA HIS B 78 -1.97 -14.69 28.36
C HIS B 78 -0.86 -15.64 28.82
N LYS B 79 0.36 -15.12 28.94
CA LYS B 79 1.55 -15.95 29.19
C LYS B 79 1.53 -16.68 30.51
N GLU B 80 1.32 -15.93 31.60
CA GLU B 80 1.36 -16.53 32.93
CA GLU B 80 1.36 -16.54 32.92
C GLU B 80 0.15 -17.44 33.17
N LEU B 81 -0.99 -17.10 32.57
CA LEU B 81 -2.20 -17.92 32.70
C LEU B 81 -1.98 -19.26 32.01
N ALA B 82 -1.39 -19.21 30.80
CA ALA B 82 -1.06 -20.41 30.02
C ALA B 82 -0.06 -21.31 30.72
N ILE B 83 1.03 -20.71 31.21
CA ILE B 83 2.06 -21.44 31.95
C ILE B 83 1.45 -22.13 33.18
N SER B 84 0.71 -21.38 34.00
CA SER B 84 -0.03 -21.94 35.16
C SER B 84 -0.90 -23.13 34.79
N ALA B 85 -1.66 -22.99 33.71
CA ALA B 85 -2.54 -24.06 33.25
C ALA B 85 -1.77 -25.32 32.93
N LEU B 86 -0.73 -25.17 32.11
CA LEU B 86 0.06 -26.32 31.65
C LEU B 86 0.76 -27.01 32.81
N GLU B 87 1.24 -26.21 33.77
CA GLU B 87 1.90 -26.72 34.98
CA GLU B 87 1.91 -26.76 34.96
C GLU B 87 0.93 -27.53 35.85
N ALA B 88 -0.36 -27.21 35.74
CA ALA B 88 -1.43 -27.88 36.48
C ALA B 88 -2.03 -29.06 35.73
N GLY B 89 -1.46 -29.39 34.58
CA GLY B 89 -1.92 -30.52 33.76
C GLY B 89 -3.07 -30.27 32.80
N LYS B 90 -3.27 -29.01 32.42
CA LYS B 90 -4.38 -28.67 31.53
C LYS B 90 -3.85 -28.34 30.13
N HIS B 91 -4.53 -28.82 29.08
CA HIS B 91 -4.23 -28.33 27.73
C HIS B 91 -4.73 -26.88 27.60
N VAL B 92 -4.16 -26.11 26.68
CA VAL B 92 -4.50 -24.69 26.54
C VAL B 92 -4.83 -24.34 25.10
N VAL B 93 -5.96 -23.65 24.91
CA VAL B 93 -6.19 -22.86 23.71
C VAL B 93 -6.03 -21.41 24.10
N CYS B 94 -5.20 -20.67 23.37
CA CYS B 94 -4.94 -19.28 23.72
C CYS B 94 -5.32 -18.35 22.57
N GLU B 95 -6.11 -17.31 22.87
CA GLU B 95 -6.46 -16.31 21.88
C GLU B 95 -5.24 -15.58 21.33
N LYS B 96 -5.36 -15.14 20.08
CA LYS B 96 -4.33 -14.37 19.39
C LYS B 96 -4.29 -12.94 19.97
N PRO B 97 -3.12 -12.26 19.96
CA PRO B 97 -1.78 -12.77 19.74
C PRO B 97 -1.44 -13.55 21.00
N VAL B 98 -0.83 -14.73 20.87
CA VAL B 98 -0.65 -15.58 22.05
C VAL B 98 0.15 -14.88 23.14
N THR B 99 1.22 -14.20 22.74
CA THR B 99 2.07 -13.50 23.69
C THR B 99 2.48 -12.19 23.08
N MET B 100 3.10 -11.32 23.87
CA MET B 100 3.49 -10.01 23.40
C MET B 100 4.93 -9.97 22.83
N THR B 101 5.66 -11.06 23.01
CA THR B 101 7.00 -11.23 22.43
C THR B 101 7.15 -12.68 22.00
N SER B 102 8.07 -12.93 21.07
CA SER B 102 8.30 -14.28 20.57
C SER B 102 9.00 -15.19 21.58
N GLU B 103 9.86 -14.59 22.42
CA GLU B 103 10.52 -15.34 23.50
C GLU B 103 9.55 -15.90 24.56
N ASP B 104 8.42 -15.22 24.75
CA ASP B 104 7.40 -15.66 25.68
C ASP B 104 6.69 -16.92 25.18
N LEU B 105 6.48 -17.03 23.87
CA LEU B 105 5.93 -18.27 23.33
C LEU B 105 6.88 -19.45 23.48
N LEU B 106 8.15 -19.24 23.17
CA LEU B 106 9.17 -20.26 23.38
C LEU B 106 9.13 -20.86 24.77
N ALA B 107 9.06 -20.00 25.79
CA ALA B 107 8.93 -20.40 27.19
C ALA B 107 7.68 -21.28 27.41
N ILE B 108 6.56 -20.91 26.79
CA ILE B 108 5.32 -21.67 26.91
C ILE B 108 5.52 -23.04 26.26
N MET B 109 6.19 -23.06 25.11
CA MET B 109 6.44 -24.30 24.36
C MET B 109 7.34 -25.26 25.14
N ASP B 110 8.25 -24.70 25.95
CA ASP B 110 9.12 -25.48 26.84
C ASP B 110 8.30 -26.19 27.92
N VAL B 111 7.38 -25.43 28.53
CA VAL B 111 6.50 -25.95 29.57
C VAL B 111 5.61 -27.04 29.00
N ALA B 112 4.94 -26.75 27.88
CA ALA B 112 4.09 -27.72 27.21
C ALA B 112 4.79 -29.05 26.92
N LYS B 113 6.06 -28.97 26.49
CA LYS B 113 6.84 -30.15 26.12
C LYS B 113 7.19 -30.96 27.36
N ARG B 114 7.51 -30.27 28.44
CA ARG B 114 7.91 -30.90 29.69
C ARG B 114 6.74 -31.67 30.34
N VAL B 115 5.59 -31.01 30.43
CA VAL B 115 4.41 -31.60 31.08
C VAL B 115 3.60 -32.49 30.16
N ASN B 116 4.00 -32.55 28.90
CA ASN B 116 3.29 -33.34 27.87
C ASN B 116 1.81 -32.93 27.75
N LYS B 117 1.58 -31.64 27.55
CA LYS B 117 0.24 -31.12 27.32
C LYS B 117 0.28 -30.19 26.13
N HIS B 118 -0.84 -30.05 25.44
CA HIS B 118 -0.89 -29.30 24.19
C HIS B 118 -1.26 -27.85 24.38
N PHE B 119 -0.56 -26.98 23.66
CA PHE B 119 -0.86 -25.54 23.56
C PHE B 119 -1.19 -25.22 22.10
N MET B 120 -2.32 -24.56 21.84
CA MET B 120 -2.72 -24.18 20.48
C MET B 120 -3.20 -22.72 20.45
N VAL B 121 -2.69 -21.96 19.47
CA VAL B 121 -3.14 -20.59 19.26
C VAL B 121 -4.45 -20.55 18.50
N HIS B 122 -5.39 -19.70 18.93
CA HIS B 122 -6.66 -19.61 18.20
C HIS B 122 -6.57 -18.78 16.90
N GLN B 123 -5.93 -19.32 15.87
CA GLN B 123 -5.84 -18.60 14.60
C GLN B 123 -7.01 -18.97 13.69
N ASN B 124 -8.21 -18.57 14.12
CA ASN B 124 -9.48 -18.89 13.47
C ASN B 124 -9.61 -18.35 12.07
N ARG B 125 -8.84 -17.31 11.75
CA ARG B 125 -9.00 -16.66 10.45
C ARG B 125 -8.31 -17.36 9.27
N ARG B 126 -7.59 -18.46 9.53
CA ARG B 126 -7.11 -19.29 8.43
C ARG B 126 -8.27 -19.98 7.73
N TRP B 127 -9.41 -20.08 8.44
CA TRP B 127 -10.63 -20.66 7.88
C TRP B 127 -11.55 -19.64 7.20
N ASP B 128 -11.16 -18.35 7.20
CA ASP B 128 -11.96 -17.29 6.55
C ASP B 128 -12.11 -17.63 5.06
N GLU B 129 -13.34 -17.57 4.58
CA GLU B 129 -13.62 -17.95 3.18
C GLU B 129 -12.87 -17.09 2.14
N ASP B 130 -12.82 -15.77 2.34
CA ASP B 130 -12.02 -14.89 1.46
C ASP B 130 -10.58 -15.38 1.31
N PHE B 131 -9.94 -15.72 2.43
CA PHE B 131 -8.57 -16.21 2.43
C PHE B 131 -8.45 -17.56 1.69
N LEU B 132 -9.44 -18.42 1.88
CA LEU B 132 -9.40 -19.75 1.26
C LEU B 132 -9.65 -19.72 -0.24
N ILE B 133 -10.34 -18.69 -0.72
CA ILE B 133 -10.42 -18.43 -2.16
C ILE B 133 -9.03 -18.04 -2.67
N ILE B 134 -8.34 -17.17 -1.93
CA ILE B 134 -6.99 -16.78 -2.33
C ILE B 134 -6.04 -17.99 -2.31
N LYS B 135 -6.21 -18.85 -1.29
CA LYS B 135 -5.44 -20.07 -1.15
C LYS B 135 -5.62 -20.99 -2.35
N GLU B 136 -6.87 -21.16 -2.79
CA GLU B 136 -7.17 -21.91 -4.00
C GLU B 136 -6.45 -21.35 -5.23
N MET B 137 -6.63 -20.04 -5.44
CA MET B 137 -5.96 -19.31 -6.53
C MET B 137 -4.44 -19.47 -6.52
N PHE B 138 -3.82 -19.37 -5.33
CA PHE B 138 -2.38 -19.49 -5.17
C PHE B 138 -1.91 -20.91 -5.52
N GLU B 139 -2.67 -21.91 -5.09
CA GLU B 139 -2.28 -23.32 -5.25
C GLU B 139 -2.57 -23.87 -6.65
N GLN B 140 -3.72 -23.51 -7.20
CA GLN B 140 -4.20 -24.03 -8.48
C GLN B 140 -3.76 -23.18 -9.66
N LYS B 141 -2.99 -22.12 -9.37
CA LYS B 141 -2.46 -21.19 -10.37
C LYS B 141 -3.53 -20.57 -11.28
N THR B 142 -4.67 -20.25 -10.67
CA THR B 142 -5.81 -19.61 -11.34
C THR B 142 -5.42 -18.38 -12.17
N ILE B 143 -4.50 -17.56 -11.63
CA ILE B 143 -3.95 -16.45 -12.40
C ILE B 143 -2.46 -16.65 -12.70
N GLY B 144 -2.07 -17.90 -12.94
CA GLY B 144 -0.67 -18.26 -13.14
C GLY B 144 0.07 -18.23 -11.82
N GLU B 145 1.36 -17.87 -11.86
CA GLU B 145 2.16 -17.74 -10.65
C GLU B 145 1.77 -16.44 -9.94
N MET B 146 1.15 -16.55 -8.78
CA MET B 146 0.82 -15.39 -7.94
C MET B 146 2.13 -14.87 -7.33
N PHE B 147 2.50 -13.63 -7.64
CA PHE B 147 3.77 -13.08 -7.17
C PHE B 147 3.64 -11.85 -6.26
N HIS B 148 2.45 -11.26 -6.21
CA HIS B 148 2.18 -10.08 -5.38
C HIS B 148 0.78 -10.19 -4.76
N LEU B 149 0.73 -10.01 -3.44
CA LEU B 149 -0.54 -10.10 -2.72
C LEU B 149 -0.76 -8.84 -1.91
N GLU B 150 -1.95 -8.25 -1.97
CA GLU B 150 -2.26 -7.12 -1.08
C GLU B 150 -3.44 -7.49 -0.19
N SER B 151 -3.22 -7.44 1.13
CA SER B 151 -4.22 -7.86 2.12
C SER B 151 -4.50 -6.71 3.06
N ARG B 152 -5.75 -6.25 3.06
CA ARG B 152 -6.18 -5.00 3.69
C ARG B 152 -7.43 -5.23 4.51
N VAL B 153 -7.40 -4.83 5.78
CA VAL B 153 -8.63 -4.72 6.56
C VAL B 153 -8.82 -3.27 7.01
N HIS B 154 -9.83 -2.62 6.42
CA HIS B 154 -10.13 -1.22 6.71
C HIS B 154 -11.44 -1.06 7.43
N GLY B 155 -11.46 -0.15 8.40
CA GLY B 155 -12.70 0.24 9.08
C GLY B 155 -12.62 1.70 9.46
N ALA B 156 -13.72 2.27 9.92
CA ALA B 156 -13.74 3.70 10.27
C ALA B 156 -14.24 3.93 11.68
N ASN B 157 -14.05 2.93 12.54
CA ASN B 157 -14.64 2.96 13.87
C ASN B 157 -13.64 3.20 14.98
N GLY B 158 -12.38 3.44 14.60
CA GLY B 158 -11.30 3.58 15.58
C GLY B 158 -11.00 2.25 16.27
N ILE B 159 -10.46 2.32 17.47
CA ILE B 159 -10.08 1.14 18.26
C ILE B 159 -11.18 0.85 19.30
N PRO B 160 -11.69 -0.40 19.34
CA PRO B 160 -12.80 -0.72 20.23
C PRO B 160 -12.40 -1.01 21.68
N GLY B 161 -13.35 -0.79 22.59
CA GLY B 161 -13.22 -1.19 23.99
C GLY B 161 -12.26 -0.35 24.80
N ASP B 162 -11.73 -0.95 25.86
CA ASP B 162 -10.79 -0.22 26.72
C ASP B 162 -9.33 -0.62 26.53
N TRP B 163 -9.00 -1.88 26.79
CA TRP B 163 -7.59 -2.32 26.93
C TRP B 163 -6.79 -2.26 25.63
N ARG B 164 -7.47 -2.32 24.49
CA ARG B 164 -6.78 -2.27 23.21
C ARG B 164 -6.18 -0.88 22.89
N HIS B 165 -6.54 0.13 23.68
CA HIS B 165 -5.94 1.46 23.60
C HIS B 165 -4.61 1.57 24.32
N LEU B 166 -4.23 0.55 25.09
CA LEU B 166 -3.10 0.67 26.01
C LEU B 166 -1.92 -0.25 25.70
N LYS B 167 -0.73 0.32 25.70
CA LYS B 167 0.51 -0.43 25.43
C LYS B 167 0.74 -1.59 26.39
N ALA B 168 0.44 -1.36 27.67
CA ALA B 168 0.67 -2.34 28.73
C ALA B 168 -0.16 -3.62 28.56
N HIS B 169 -1.27 -3.53 27.84
CA HIS B 169 -2.13 -4.69 27.59
C HIS B 169 -1.98 -5.27 26.18
N GLY B 170 -0.91 -4.89 25.48
CA GLY B 170 -0.70 -5.35 24.09
C GLY B 170 -1.76 -4.84 23.14
N GLY B 171 -2.09 -3.56 23.30
CA GLY B 171 -3.08 -2.91 22.46
C GLY B 171 -2.55 -2.55 21.09
N GLY B 172 -3.40 -1.95 20.25
CA GLY B 172 -2.98 -1.50 18.93
C GLY B 172 -3.41 -2.47 17.86
N MET B 173 -3.31 -2.05 16.61
CA MET B 173 -3.85 -2.84 15.49
C MET B 173 -2.93 -3.88 14.88
N VAL B 174 -1.61 -3.73 15.01
CA VAL B 174 -0.66 -4.78 14.59
C VAL B 174 -0.95 -6.04 15.41
N LEU B 175 -1.10 -5.85 16.72
CA LEU B 175 -1.39 -6.97 17.60
C LEU B 175 -2.81 -7.50 17.44
N ASP B 176 -3.76 -6.63 17.12
CA ASP B 176 -5.16 -7.04 17.13
C ASP B 176 -5.56 -7.71 15.82
N TRP B 177 -5.36 -7.01 14.72
CA TRP B 177 -5.74 -7.52 13.41
C TRP B 177 -4.54 -7.95 12.60
N GLY B 178 -3.41 -7.29 12.81
CA GLY B 178 -2.20 -7.60 12.07
C GLY B 178 -1.80 -9.06 12.19
N VAL B 179 -1.90 -9.62 13.40
CA VAL B 179 -1.57 -11.01 13.63
C VAL B 179 -2.39 -12.00 12.77
N HIS B 180 -3.67 -11.70 12.54
CA HIS B 180 -4.52 -12.53 11.68
C HIS B 180 -3.99 -12.52 10.27
N LEU B 181 -3.72 -11.32 9.75
CA LEU B 181 -3.30 -11.20 8.34
C LEU B 181 -1.88 -11.68 8.10
N LEU B 182 -1.00 -11.49 9.07
CA LEU B 182 0.35 -11.96 8.97
C LEU B 182 0.41 -13.49 9.07
N ASP B 183 -0.45 -14.05 9.92
CA ASP B 183 -0.55 -15.49 10.07
C ASP B 183 -1.08 -16.10 8.78
N GLN B 184 -2.07 -15.47 8.18
CA GLN B 184 -2.59 -15.93 6.85
C GLN B 184 -1.50 -15.92 5.79
N LEU B 185 -0.70 -14.85 5.76
CA LEU B 185 0.36 -14.67 4.77
C LEU B 185 1.41 -15.77 4.88
N LEU B 186 1.89 -15.99 6.09
CA LEU B 186 2.92 -16.98 6.33
C LEU B 186 2.42 -18.43 6.23
N PHE B 187 1.15 -18.66 6.50
CA PHE B 187 0.53 -19.97 6.32
C PHE B 187 0.48 -20.30 4.81
N LEU B 188 0.22 -19.29 4.00
CA LEU B 188 0.07 -19.47 2.56
C LEU B 188 1.41 -19.59 1.83
N VAL B 189 2.35 -18.74 2.20
CA VAL B 189 3.63 -18.66 1.49
C VAL B 189 4.70 -19.52 2.19
N ASP B 190 5.21 -20.52 1.48
CA ASP B 190 6.30 -21.36 2.02
C ASP B 190 7.66 -20.83 1.55
N SER B 191 8.11 -19.76 2.20
CA SER B 191 9.36 -19.09 1.84
C SER B 191 9.85 -18.21 3.01
N ASN B 192 11.15 -18.10 3.18
CA ASN B 192 11.69 -17.22 4.23
C ASN B 192 11.45 -15.75 3.89
N VAL B 193 11.23 -14.95 4.91
CA VAL B 193 11.12 -13.51 4.75
C VAL B 193 12.51 -12.92 4.51
N LYS B 194 12.62 -12.20 3.39
CA LYS B 194 13.86 -11.57 2.95
C LYS B 194 13.97 -10.13 3.47
N SER B 195 12.86 -9.39 3.48
CA SER B 195 12.85 -8.00 3.97
C SER B 195 11.50 -7.53 4.47
N VAL B 196 11.52 -6.61 5.44
CA VAL B 196 10.30 -6.03 5.99
C VAL B 196 10.49 -4.54 6.10
N SER B 197 9.58 -3.75 5.52
CA SER B 197 9.51 -2.33 5.89
C SER B 197 8.13 -2.01 6.39
N ALA B 198 8.02 -1.05 7.31
CA ALA B 198 6.70 -0.75 7.83
C ALA B 198 6.51 0.67 8.31
N ASN B 199 5.26 1.11 8.32
CA ASN B 199 4.87 2.38 8.93
C ASN B 199 3.64 2.20 9.80
N LEU B 200 3.68 2.69 11.03
CA LEU B 200 2.52 2.67 11.91
C LEU B 200 1.71 3.97 11.82
N SER B 201 0.39 3.86 11.98
CA SER B 201 -0.49 5.03 12.05
C SER B 201 -0.78 5.38 13.50
N PHE B 202 -0.56 6.64 13.84
CA PHE B 202 -1.01 7.21 15.10
C PHE B 202 -1.93 8.40 14.83
N ALA B 203 -2.75 8.27 13.78
CA ALA B 203 -3.74 9.27 13.40
C ALA B 203 -4.73 9.62 14.52
N LEU B 204 -5.06 8.64 15.35
CA LEU B 204 -6.02 8.81 16.44
C LEU B 204 -5.42 9.40 17.70
N GLY B 205 -4.09 9.49 17.75
CA GLY B 205 -3.41 10.10 18.90
C GLY B 205 -3.33 9.21 20.12
N ASP B 206 -3.59 7.92 19.96
CA ASP B 206 -3.41 6.94 21.03
C ASP B 206 -1.92 6.67 21.28
N GLU B 207 -1.60 5.96 22.35
CA GLU B 207 -0.23 5.52 22.57
C GLU B 207 0.07 4.21 21.82
N VAL B 208 -0.98 3.59 21.28
CA VAL B 208 -0.79 2.42 20.43
C VAL B 208 -1.19 2.74 18.99
N ASP B 209 -0.72 1.93 18.05
CA ASP B 209 -1.01 2.13 16.64
C ASP B 209 -2.50 1.89 16.36
N ASP B 210 -3.08 2.72 15.50
CA ASP B 210 -4.46 2.47 15.09
C ASP B 210 -4.52 1.83 13.70
N GLY B 211 -3.36 1.48 13.16
CA GLY B 211 -3.31 0.85 11.84
C GLY B 211 -1.86 0.81 11.44
N PHE B 212 -1.56 0.21 10.31
CA PHE B 212 -0.18 0.10 9.87
C PHE B 212 -0.18 -0.34 8.43
N VAL B 213 0.96 -0.19 7.77
CA VAL B 213 1.20 -0.84 6.48
C VAL B 213 2.57 -1.52 6.59
N THR B 214 2.70 -2.67 5.94
CA THR B 214 4.01 -3.33 5.87
C THR B 214 4.23 -3.88 4.48
N PHE B 215 5.46 -3.74 4.00
CA PHE B 215 5.89 -4.29 2.73
CA PHE B 215 5.86 -4.34 2.73
C PHE B 215 6.86 -5.44 3.03
N ILE B 216 6.51 -6.63 2.58
CA ILE B 216 7.28 -7.83 2.90
C ILE B 216 7.74 -8.44 1.59
N THR B 217 9.02 -8.81 1.51
CA THR B 217 9.51 -9.54 0.34
C THR B 217 9.96 -10.92 0.77
N PHE B 218 9.63 -11.95 0.01
CA PHE B 218 10.10 -13.30 0.34
C PHE B 218 11.34 -13.70 -0.43
N GLU B 219 12.00 -14.78 0.00
CA GLU B 219 13.24 -15.24 -0.62
C GLU B 219 12.95 -15.70 -2.06
N ASN B 220 11.75 -16.19 -2.29
CA ASN B 220 11.35 -16.66 -3.63
C ASN B 220 10.84 -15.56 -4.56
N GLY B 221 10.93 -14.31 -4.11
CA GLY B 221 10.57 -13.18 -4.94
C GLY B 221 9.16 -12.65 -4.79
N ILE B 222 8.31 -13.38 -4.05
CA ILE B 222 6.95 -12.92 -3.77
C ILE B 222 7.02 -11.69 -2.88
N THR B 223 6.21 -10.68 -3.21
CA THR B 223 6.06 -9.48 -2.39
C THR B 223 4.64 -9.37 -1.85
N ALA B 224 4.49 -8.79 -0.66
CA ALA B 224 3.16 -8.62 -0.12
C ALA B 224 3.04 -7.28 0.58
N GLN B 225 1.84 -6.70 0.49
CA GLN B 225 1.50 -5.52 1.27
C GLN B 225 0.37 -5.88 2.20
N ILE B 226 0.59 -5.70 3.50
CA ILE B 226 -0.40 -6.03 4.50
C ILE B 226 -0.74 -4.73 5.22
N GLU B 227 -2.03 -4.46 5.34
CA GLU B 227 -2.48 -3.17 5.82
C GLU B 227 -3.72 -3.29 6.71
N VAL B 228 -3.70 -2.63 7.86
CA VAL B 228 -4.90 -2.53 8.70
C VAL B 228 -5.15 -1.04 8.94
N GLY B 229 -6.40 -0.59 8.83
CA GLY B 229 -6.71 0.82 9.12
C GLY B 229 -8.02 0.95 9.88
N THR B 230 -8.09 1.89 10.83
CA THR B 230 -9.30 2.13 11.59
C THR B 230 -9.87 3.56 11.38
N THR B 231 -9.27 4.30 10.46
CA THR B 231 -9.64 5.68 10.18
C THR B 231 -9.94 5.83 8.70
N ASN B 232 -10.56 4.78 8.13
CA ASN B 232 -10.77 4.66 6.70
C ASN B 232 -12.27 4.67 6.35
N PHE B 233 -12.78 5.85 5.96
CA PHE B 233 -14.20 6.06 5.75
C PHE B 233 -14.64 5.53 4.40
N ILE B 234 -13.67 5.33 3.53
CA ILE B 234 -13.87 4.57 2.28
C ILE B 234 -12.82 3.47 2.39
N LYS B 235 -13.14 2.28 1.91
CA LYS B 235 -12.28 1.13 2.09
C LYS B 235 -11.68 0.74 0.77
N LEU B 236 -10.44 0.31 0.82
CA LEU B 236 -9.81 -0.31 -0.33
C LEU B 236 -10.21 -1.80 -0.28
N PRO B 237 -10.03 -2.57 -1.38
CA PRO B 237 -10.49 -3.96 -1.36
C PRO B 237 -9.78 -4.84 -0.32
N ARG B 238 -10.49 -5.87 0.16
CA ARG B 238 -9.96 -6.85 1.09
C ARG B 238 -8.72 -7.56 0.53
N TRP B 239 -8.80 -7.98 -0.73
CA TRP B 239 -7.69 -8.64 -1.37
C TRP B 239 -7.46 -8.09 -2.76
N TYR B 240 -6.19 -7.90 -3.10
CA TYR B 240 -5.80 -7.54 -4.46
C TYR B 240 -4.55 -8.34 -4.75
N VAL B 241 -4.61 -9.20 -5.76
CA VAL B 241 -3.56 -10.19 -6.03
C VAL B 241 -3.13 -10.24 -7.51
N LYS B 242 -1.83 -10.23 -7.75
CA LYS B 242 -1.30 -10.22 -9.11
C LYS B 242 -0.59 -11.52 -9.44
N GLY B 243 -0.92 -12.07 -10.61
CA GLY B 243 -0.23 -13.26 -11.06
C GLY B 243 0.30 -13.10 -12.47
N THR B 244 1.14 -14.03 -12.89
CA THR B 244 1.72 -14.00 -14.25
C THR B 244 0.66 -14.15 -15.35
N GLU B 245 -0.51 -14.66 -14.99
CA GLU B 245 -1.58 -14.86 -15.98
C GLU B 245 -2.92 -14.26 -15.54
N GLY B 246 -2.89 -13.11 -14.88
CA GLY B 246 -4.12 -12.44 -14.50
C GLY B 246 -4.03 -11.64 -13.23
N THR B 247 -5.14 -11.03 -12.83
CA THR B 247 -5.20 -10.25 -11.60
C THR B 247 -6.51 -10.57 -10.93
N GLY B 248 -6.53 -10.58 -9.59
CA GLY B 248 -7.73 -10.88 -8.85
C GLY B 248 -8.04 -9.88 -7.76
N ILE B 249 -9.34 -9.72 -7.48
CA ILE B 249 -9.79 -8.75 -6.47
C ILE B 249 -10.91 -9.38 -5.65
N ILE B 250 -10.86 -9.18 -4.33
CA ILE B 250 -12.02 -9.50 -3.49
C ILE B 250 -12.31 -8.23 -2.72
N HIS B 251 -13.49 -7.65 -2.98
CA HIS B 251 -13.82 -6.31 -2.51
C HIS B 251 -14.05 -6.23 -1.02
N ASP B 252 -14.75 -7.21 -0.49
CA ASP B 252 -15.24 -7.12 0.88
C ASP B 252 -15.59 -8.51 1.38
N TRP B 253 -15.98 -8.56 2.66
CA TRP B 253 -16.38 -9.77 3.37
C TRP B 253 -17.54 -10.52 2.74
N ASP B 254 -18.29 -9.85 1.85
CA ASP B 254 -19.40 -10.49 1.12
C ASP B 254 -18.90 -11.37 -0.03
N LEU B 255 -17.57 -11.40 -0.20
CA LEU B 255 -16.86 -12.20 -1.21
C LEU B 255 -17.12 -11.80 -2.67
N SER B 256 -17.61 -10.59 -2.88
CA SER B 256 -17.73 -10.01 -4.21
C SER B 256 -16.34 -9.75 -4.80
N GLY B 257 -16.23 -9.90 -6.11
CA GLY B 257 -14.98 -9.70 -6.80
C GLY B 257 -14.94 -10.50 -8.09
N GLU B 258 -13.75 -10.62 -8.66
CA GLU B 258 -13.57 -11.23 -9.98
C GLU B 258 -12.12 -11.48 -10.30
N ILE B 259 -11.91 -12.17 -11.42
CA ILE B 259 -10.59 -12.40 -11.95
C ILE B 259 -10.60 -11.87 -13.39
N VAL B 260 -9.51 -11.22 -13.80
CA VAL B 260 -9.34 -10.84 -15.20
C VAL B 260 -8.03 -11.43 -15.72
N LYS B 261 -8.12 -12.20 -16.81
CA LYS B 261 -6.98 -12.91 -17.36
C LYS B 261 -6.71 -12.47 -18.81
N PRO B 262 -5.43 -12.48 -19.23
CA PRO B 262 -5.15 -12.30 -20.66
C PRO B 262 -5.62 -13.52 -21.45
N THR B 263 -5.97 -13.33 -22.71
CA THR B 263 -6.46 -14.44 -23.55
C THR B 263 -5.30 -15.20 -24.21
N THR B 283 7.76 -15.73 -15.57
CA THR B 283 7.80 -14.55 -16.42
C THR B 283 6.50 -14.33 -17.21
N MET B 284 6.25 -13.08 -17.60
CA MET B 284 4.98 -12.69 -18.22
C MET B 284 5.09 -12.40 -19.72
N ALA B 285 4.09 -12.88 -20.47
CA ALA B 285 3.88 -12.47 -21.86
C ALA B 285 3.47 -10.99 -21.90
N PRO B 286 3.85 -10.26 -22.98
CA PRO B 286 3.38 -8.87 -23.18
C PRO B 286 1.87 -8.74 -23.05
N PRO B 287 1.41 -7.97 -22.04
CA PRO B 287 -0.03 -7.89 -21.83
C PRO B 287 -0.71 -6.87 -22.75
N SER B 288 -2.01 -7.07 -22.96
CA SER B 288 -2.84 -6.09 -23.67
C SER B 288 -4.22 -6.07 -23.03
N GLU B 289 -4.74 -4.87 -22.80
CA GLU B 289 -6.06 -4.70 -22.20
C GLU B 289 -7.20 -5.06 -23.14
N GLU B 290 -6.93 -5.02 -24.45
CA GLU B 290 -7.92 -5.32 -25.49
C GLU B 290 -8.25 -6.81 -25.60
N ALA B 291 -7.34 -7.66 -25.15
CA ALA B 291 -7.53 -9.10 -25.21
C ALA B 291 -7.53 -9.70 -23.80
N THR B 292 -8.67 -9.58 -23.12
CA THR B 292 -8.85 -10.11 -21.76
C THR B 292 -10.20 -10.79 -21.58
N ASN B 293 -10.25 -11.71 -20.62
CA ASN B 293 -11.50 -12.34 -20.20
C ASN B 293 -11.71 -12.18 -18.70
N THR B 294 -12.94 -11.83 -18.33
CA THR B 294 -13.34 -11.68 -16.93
C THR B 294 -14.05 -12.94 -16.46
N LEU B 295 -13.66 -13.44 -15.28
CA LEU B 295 -14.21 -14.66 -14.71
C LEU B 295 -14.63 -14.46 -13.26
N SER B 296 -15.41 -15.42 -12.75
CA SER B 296 -15.76 -15.45 -11.32
C SER B 296 -14.59 -15.98 -10.50
N LEU B 297 -14.56 -15.62 -9.22
CA LEU B 297 -13.63 -16.20 -8.26
C LEU B 297 -13.95 -17.69 -8.07
N PRO B 298 -12.92 -18.53 -7.91
CA PRO B 298 -13.20 -19.95 -7.73
C PRO B 298 -13.75 -20.23 -6.34
N ALA B 299 -14.23 -21.46 -6.15
CA ALA B 299 -14.75 -21.91 -4.87
C ALA B 299 -13.57 -21.97 -3.90
N PRO B 300 -13.80 -21.69 -2.60
CA PRO B 300 -12.68 -21.70 -1.66
C PRO B 300 -11.96 -23.05 -1.55
N ALA B 301 -10.69 -23.01 -1.17
CA ALA B 301 -9.97 -24.24 -0.83
C ALA B 301 -10.57 -24.82 0.45
N LYS B 302 -10.34 -26.11 0.69
CA LYS B 302 -10.81 -26.76 1.91
C LYS B 302 -9.76 -26.65 2.98
N LEU B 303 -10.20 -26.34 4.18
CA LEU B 303 -9.36 -26.50 5.37
C LEU B 303 -10.24 -27.20 6.41
N ALA B 304 -9.94 -28.48 6.61
CA ALA B 304 -10.78 -29.38 7.40
C ALA B 304 -9.93 -30.18 8.39
N PRO B 305 -10.46 -30.45 9.59
CA PRO B 305 -11.74 -29.99 10.14
C PRO B 305 -11.64 -28.58 10.73
N SER B 306 -12.62 -28.21 11.54
CA SER B 306 -12.66 -26.90 12.18
C SER B 306 -11.54 -26.82 13.18
N PHE B 307 -11.26 -25.62 13.67
CA PHE B 307 -10.24 -25.43 14.67
C PHE B 307 -10.43 -26.36 15.87
N TYR B 308 -11.63 -26.35 16.42
CA TYR B 308 -11.89 -27.07 17.66
C TYR B 308 -11.93 -28.59 17.49
N ASN B 309 -12.40 -29.06 16.34
CA ASN B 309 -12.32 -30.48 16.02
C ASN B 309 -10.89 -30.96 15.82
N ASN B 310 -10.07 -30.12 15.16
CA ASN B 310 -8.66 -30.40 15.00
C ASN B 310 -7.98 -30.42 16.36
N PHE B 311 -8.37 -29.48 17.22
CA PHE B 311 -7.80 -29.43 18.58
C PHE B 311 -8.07 -30.73 19.37
N VAL B 312 -9.29 -31.25 19.27
CA VAL B 312 -9.67 -32.51 19.91
C VAL B 312 -8.88 -33.69 19.31
N ASP B 313 -8.80 -33.74 17.98
CA ASP B 313 -7.98 -34.72 17.27
C ASP B 313 -6.51 -34.70 17.69
N VAL B 314 -6.00 -33.52 17.98
CA VAL B 314 -4.64 -33.36 18.44
C VAL B 314 -4.49 -33.90 19.85
N LEU B 315 -5.47 -33.63 20.72
CA LEU B 315 -5.47 -34.18 22.10
C LEU B 315 -5.55 -35.71 22.12
N ASN B 316 -6.30 -36.26 21.17
CA ASN B 316 -6.43 -37.70 20.99
C ASN B 316 -5.26 -38.36 20.24
N ASN B 317 -4.32 -37.53 19.78
CA ASN B 317 -3.19 -37.97 18.94
C ASN B 317 -3.62 -38.61 17.62
N THR B 318 -4.76 -38.20 17.08
CA THR B 318 -5.18 -38.74 15.77
C THR B 318 -4.73 -37.87 14.61
N SER B 319 -4.38 -36.62 14.90
CA SER B 319 -3.97 -35.68 13.86
C SER B 319 -2.88 -34.73 14.30
N GLU B 320 -2.16 -34.24 13.31
CA GLU B 320 -1.23 -33.13 13.47
C GLU B 320 -2.05 -31.85 13.54
N PRO B 321 -1.59 -30.86 14.34
CA PRO B 321 -2.25 -29.55 14.37
C PRO B 321 -2.20 -28.79 13.05
N ILE B 322 -3.30 -28.14 12.71
CA ILE B 322 -3.34 -27.21 11.59
C ILE B 322 -2.59 -25.93 12.02
N VAL B 323 -2.93 -25.40 13.19
CA VAL B 323 -2.20 -24.26 13.72
C VAL B 323 -1.01 -24.72 14.56
N GLN B 324 0.18 -24.71 13.96
CA GLN B 324 1.40 -25.21 14.62
C GLN B 324 2.09 -24.10 15.39
N ASN B 325 2.54 -24.41 16.59
CA ASN B 325 3.26 -23.42 17.40
C ASN B 325 4.51 -22.83 16.73
N GLU B 326 5.20 -23.64 15.91
CA GLU B 326 6.32 -23.16 15.09
C GLU B 326 5.91 -22.04 14.13
N GLU B 327 4.73 -22.18 13.51
CA GLU B 327 4.19 -21.14 12.62
C GLU B 327 3.87 -19.86 13.38
N VAL B 328 3.24 -20.03 14.54
CA VAL B 328 2.85 -18.93 15.42
C VAL B 328 4.09 -18.17 15.89
N TYR B 329 5.16 -18.92 16.15
CA TYR B 329 6.46 -18.35 16.53
C TYR B 329 7.03 -17.42 15.44
N GLN B 330 6.94 -17.86 14.19
CA GLN B 330 7.45 -17.09 13.06
C GLN B 330 6.66 -15.78 12.90
N VAL B 331 5.35 -15.85 13.14
CA VAL B 331 4.48 -14.68 13.08
C VAL B 331 4.85 -13.64 14.15
N LEU B 332 5.12 -14.10 15.37
CA LEU B 332 5.52 -13.18 16.43
C LEU B 332 6.83 -12.48 16.10
N LYS B 333 7.82 -13.24 15.60
CA LYS B 333 9.07 -12.64 15.11
C LYS B 333 8.83 -11.62 14.02
N LEU B 334 7.95 -11.94 13.07
CA LEU B 334 7.57 -11.01 12.01
C LEU B 334 6.96 -9.72 12.58
N ILE B 335 6.09 -9.86 13.58
CA ILE B 335 5.50 -8.71 14.26
C ILE B 335 6.60 -7.89 14.93
N GLU B 336 7.57 -8.56 15.53
CA GLU B 336 8.74 -7.88 16.12
C GLU B 336 9.57 -7.14 15.07
N ALA B 337 9.68 -7.72 13.88
CA ALA B 337 10.39 -7.08 12.75
C ALA B 337 9.65 -5.83 12.30
N ILE B 338 8.32 -5.94 12.21
CA ILE B 338 7.45 -4.83 11.82
C ILE B 338 7.61 -3.64 12.79
N PHE B 339 7.52 -3.91 14.09
CA PHE B 339 7.67 -2.85 15.10
C PHE B 339 9.05 -2.19 15.02
N GLU B 340 10.09 -2.99 14.80
CA GLU B 340 11.47 -2.48 14.73
C GLU B 340 11.69 -1.60 13.49
N ALA B 341 11.18 -2.09 12.36
CA ALA B 341 11.19 -1.38 11.08
C ALA B 341 10.45 -0.04 11.08
N ALA B 342 9.27 0.00 11.70
CA ALA B 342 8.49 1.23 11.79
C ALA B 342 9.18 2.23 12.73
N GLU B 343 9.64 1.75 13.87
CA GLU B 343 10.21 2.61 14.93
C GLU B 343 11.54 3.26 14.54
N THR B 344 12.38 2.50 13.84
CA THR B 344 13.65 3.02 13.33
C THR B 344 13.56 3.61 11.91
N ASN B 345 12.41 3.42 11.25
CA ASN B 345 12.19 3.88 9.87
C ASN B 345 13.25 3.30 8.92
N ARG B 346 13.53 2.00 9.08
CA ARG B 346 14.53 1.30 8.27
C ARG B 346 13.91 0.07 7.63
N THR B 347 14.54 -0.45 6.60
CA THR B 347 14.18 -1.76 6.10
C THR B 347 15.01 -2.82 6.82
N VAL B 348 14.33 -3.82 7.38
CA VAL B 348 14.96 -4.90 8.09
C VAL B 348 15.06 -6.13 7.16
N HIS B 349 16.11 -6.95 7.30
CA HIS B 349 16.38 -8.00 6.31
C HIS B 349 16.33 -9.44 6.82
N SER B 350 15.68 -9.63 7.96
CA SER B 350 15.23 -10.95 8.41
C SER B 350 14.24 -10.77 9.54
N ILE B 351 13.54 -11.84 9.92
CA ILE B 351 12.70 -11.80 11.11
C ILE B 351 13.48 -12.21 12.37
N GLU B 352 14.75 -12.56 12.17
CA GLU B 352 15.65 -12.89 13.28
C GLU B 352 16.31 -11.63 13.82
N GLY B 353 16.63 -11.63 15.11
CA GLY B 353 17.45 -10.56 15.69
C GLY B 353 16.77 -9.34 16.29
N HIS B 354 15.46 -9.43 16.55
CA HIS B 354 14.70 -8.27 17.06
C HIS B 354 14.24 -8.47 18.50
N HIS B 355 14.85 -9.43 19.19
CA HIS B 355 14.49 -9.76 20.55
C HIS B 355 14.94 -8.71 21.56
N HIS B 356 16.02 -8.00 21.23
CA HIS B 356 16.66 -7.01 22.11
C HIS B 356 17.00 -7.55 23.50
N HIS B 357 17.54 -8.78 23.54
CA HIS B 357 17.97 -9.38 24.80
C HIS B 357 19.33 -8.86 25.26
N HIS B 358 20.13 -8.38 24.31
CA HIS B 358 21.56 -8.15 24.52
C HIS B 358 22.03 -6.73 24.23
N HIS B 359 21.10 -5.88 23.74
CA HIS B 359 21.35 -4.45 23.56
C HIS B 359 20.03 -3.67 23.55
#